data_6I3K
#
_entry.id   6I3K
#
_cell.length_a   136.906
_cell.length_b   201.803
_cell.length_c   217.869
_cell.angle_alpha   90.00
_cell.angle_beta   90.00
_cell.angle_gamma   90.00
#
_symmetry.space_group_name_H-M   'F 2 2 2'
#
loop_
_entity.id
_entity.type
_entity.pdbx_description
1 polymer 'Bilirubin oxidase'
2 branched beta-D-mannopyranose-(1-4)-2-acetamido-2-deoxy-beta-D-glucopyranose-(1-4)-2-acetamido-2-deoxy-beta-D-glucopyranose
3 branched 2-acetamido-2-deoxy-beta-D-glucopyranose-(1-4)-2-acetamido-2-deoxy-beta-D-glucopyranose
4 non-polymer 'COPPER (II) ION'
5 non-polymer HEXACYANOFERRATE(3-)
6 non-polymer 'SUCCINIC ACID'
7 non-polymer 'SODIUM ION'
8 non-polymer 'POTASSIUM ION'
9 non-polymer GLYCEROL
10 non-polymer DI(HYDROXYETHYL)ETHER
11 water water
#
_entity_poly.entity_id   1
_entity_poly.type   'polypeptide(L)'
_entity_poly.pdbx_seq_one_letter_code
;VAQISPQYPMFTVPLPIPPVKQPRLTVTNPVNGQEIWYYEVEIKPFTHQVYPDLGSADLVGYDGMSPGPTFQVPRGVETV
VRFINNAEAPNSVHLHGSFSRAAFDGWAEDITEPGSFKDYYYPNRQSARTLWYHDHAMHITAENAYRGQAGLYMLTDPAE
DALNLPSGYGEFDIPMILTSKQYTANGNLVTTNGELNSFWGDVIHVNGQPWPFKNVEPRKYRFRFLDAAVSRSFGLYFAD
TDAIDTRLPFKVIASDSGLLEHPADTSLLYISMAERYEVVFDFSDYAGKTIELRNLGGSIGGIGTDTDYDNTDKVMRFVV
ADDTTQPDTSVVPANLRDVPFPSPTTNTPRQFRFGRTGPTWTINGVAFADVQNRLLANVPVGTVERWELINAGNGATHPI
HIHLVDFKVISRTSGNNARTVMPYESGLKDVVWLGRRETVVVEAHYAPFPGVYMFHCHNLIHEDHDMMAAFNATVLPDYG
YNATVFVDPMEELWQARPYELGEFQAQSGQFSVQAVTERIQTMAEYRPYAAADE
;
_entity_poly.pdbx_strand_id   A,B
#
loop_
_chem_comp.id
_chem_comp.type
_chem_comp.name
_chem_comp.formula
BMA D-saccharide, beta linking beta-D-mannopyranose 'C6 H12 O6'
CU non-polymer 'COPPER (II) ION' 'Cu 2'
FC6 non-polymer HEXACYANOFERRATE(3-) 'C6 Fe N6'
GOL non-polymer GLYCEROL 'C3 H8 O3'
K non-polymer 'POTASSIUM ION' 'K 1'
NA non-polymer 'SODIUM ION' 'Na 1'
NAG D-saccharide, beta linking 2-acetamido-2-deoxy-beta-D-glucopyranose 'C8 H15 N O6'
PEG non-polymer DI(HYDROXYETHYL)ETHER 'C4 H10 O3'
SIN non-polymer 'SUCCINIC ACID' 'C4 H6 O4'
#
# COMPACT_ATOMS: atom_id res chain seq x y z
N VAL A 1 -14.93 -11.92 -34.10
CA VAL A 1 -16.44 -12.10 -34.14
C VAL A 1 -17.11 -11.29 -33.03
N ALA A 2 -18.43 -11.13 -33.12
CA ALA A 2 -19.15 -10.19 -32.25
C ALA A 2 -18.91 -10.58 -30.78
N GLN A 3 -18.67 -9.56 -29.96
CA GLN A 3 -18.64 -9.74 -28.49
C GLN A 3 -19.99 -10.30 -28.03
N ILE A 4 -19.99 -11.25 -27.11
CA ILE A 4 -21.22 -11.86 -26.52
C ILE A 4 -21.57 -11.18 -25.19
N SER A 5 -20.57 -10.97 -24.34
CA SER A 5 -20.68 -10.28 -23.06
C SER A 5 -21.21 -8.88 -23.27
N PRO A 6 -21.89 -8.30 -22.28
CA PRO A 6 -22.37 -6.93 -22.40
C PRO A 6 -21.23 -5.93 -22.67
N GLN A 7 -21.57 -4.79 -23.29
CA GLN A 7 -20.61 -3.70 -23.53
C GLN A 7 -20.07 -3.18 -22.20
N TYR A 8 -18.75 -3.02 -22.11
CA TYR A 8 -18.02 -2.64 -20.87
C TYR A 8 -17.46 -1.22 -21.08
N PRO A 9 -17.43 -0.35 -20.03
CA PRO A 9 -16.80 0.98 -20.11
C PRO A 9 -15.26 0.91 -20.09
N MET A 10 -14.72 0.75 -21.29
CA MET A 10 -13.28 0.43 -21.58
CA MET A 10 -13.29 0.32 -21.39
C MET A 10 -12.35 1.43 -20.90
N PHE A 11 -11.34 0.99 -20.15
CA PHE A 11 -10.22 1.83 -19.70
C PHE A 11 -10.67 2.95 -18.74
N THR A 12 -11.66 2.65 -17.90
CA THR A 12 -12.18 3.64 -16.94
C THR A 12 -11.85 3.29 -15.49
N VAL A 13 -11.40 2.07 -15.20
CA VAL A 13 -11.17 1.61 -13.80
C VAL A 13 -9.67 1.40 -13.62
N PRO A 14 -9.07 1.92 -12.54
CA PRO A 14 -7.64 1.70 -12.33
C PRO A 14 -7.29 0.22 -12.13
N LEU A 15 -6.12 -0.16 -12.63
CA LEU A 15 -5.55 -1.51 -12.42
C LEU A 15 -5.46 -1.79 -10.92
N PRO A 16 -6.14 -2.84 -10.42
CA PRO A 16 -5.97 -3.21 -9.02
C PRO A 16 -4.62 -3.93 -8.83
N ILE A 17 -4.08 -3.81 -7.62
CA ILE A 17 -2.84 -4.54 -7.21
C ILE A 17 -3.20 -5.46 -6.04
N PRO A 18 -3.09 -6.78 -6.18
CA PRO A 18 -3.41 -7.68 -5.06
C PRO A 18 -2.55 -7.33 -3.86
N PRO A 19 -3.12 -7.32 -2.65
CA PRO A 19 -2.34 -7.01 -1.47
C PRO A 19 -1.35 -8.13 -1.19
N VAL A 20 -0.29 -7.78 -0.47
CA VAL A 20 0.75 -8.76 -0.07
C VAL A 20 0.24 -9.56 1.13
N LYS A 21 0.25 -10.88 1.03
CA LYS A 21 -0.14 -11.77 2.12
C LYS A 21 0.95 -11.82 3.20
N GLN A 22 0.57 -11.61 4.47
CA GLN A 22 1.49 -11.65 5.61
C GLN A 22 1.32 -12.96 6.39
N PRO A 23 2.43 -13.56 6.89
CA PRO A 23 2.31 -14.75 7.72
C PRO A 23 1.72 -14.41 9.09
N ARG A 24 0.97 -15.35 9.65
CA ARG A 24 0.36 -15.21 11.01
C ARG A 24 1.44 -15.40 12.08
N LEU A 25 2.28 -16.39 11.93
CA LEU A 25 3.25 -16.86 12.98
C LEU A 25 4.57 -17.22 12.31
N THR A 26 5.64 -17.27 13.11
CA THR A 26 6.91 -17.91 12.71
C THR A 26 7.16 -19.02 13.70
N VAL A 27 7.49 -20.18 13.20
CA VAL A 27 7.73 -21.37 14.06
C VAL A 27 9.19 -21.75 13.94
N THR A 28 9.86 -21.98 15.06
CA THR A 28 11.27 -22.43 15.06
C THR A 28 11.37 -23.88 14.58
N ASN A 29 12.17 -24.11 13.54
CA ASN A 29 12.45 -25.49 13.05
C ASN A 29 13.47 -26.15 13.96
N PRO A 30 13.15 -27.23 14.69
CA PRO A 30 14.11 -27.80 15.65
C PRO A 30 15.30 -28.44 14.95
N VAL A 31 15.21 -28.72 13.64
CA VAL A 31 16.35 -29.34 12.91
C VAL A 31 17.49 -28.35 12.71
N ASN A 32 17.20 -27.12 12.29
CA ASN A 32 18.22 -26.14 11.85
C ASN A 32 18.18 -24.83 12.66
N GLY A 33 17.23 -24.67 13.59
CA GLY A 33 17.07 -23.45 14.40
C GLY A 33 16.44 -22.28 13.66
N GLN A 34 16.11 -22.48 12.37
CA GLN A 34 15.60 -21.38 11.51
C GLN A 34 14.08 -21.17 11.67
N GLU A 35 13.59 -19.97 11.37
CA GLU A 35 12.13 -19.67 11.42
C GLU A 35 11.45 -20.15 10.13
N ILE A 36 10.34 -20.84 10.29
CA ILE A 36 9.38 -21.20 9.21
C ILE A 36 8.23 -20.21 9.28
N TRP A 37 7.90 -19.55 8.16
CA TRP A 37 6.78 -18.59 8.14
C TRP A 37 5.49 -19.38 7.93
N TYR A 38 4.49 -19.19 8.79
CA TYR A 38 3.20 -19.91 8.73
C TYR A 38 2.11 -18.94 8.34
N TYR A 39 1.36 -19.33 7.33
CA TYR A 39 0.25 -18.53 6.79
C TYR A 39 -1.05 -19.33 6.82
N GLU A 40 -2.16 -18.60 6.88
CA GLU A 40 -3.53 -19.17 6.75
CA GLU A 40 -3.53 -19.15 6.77
C GLU A 40 -4.27 -18.47 5.61
N VAL A 41 -4.83 -19.27 4.70
CA VAL A 41 -5.60 -18.75 3.55
C VAL A 41 -6.98 -19.41 3.58
N GLU A 42 -8.06 -18.61 3.54
CA GLU A 42 -9.44 -19.14 3.62
C GLU A 42 -10.08 -19.09 2.24
N ILE A 43 -10.34 -20.25 1.64
CA ILE A 43 -11.04 -20.33 0.33
C ILE A 43 -12.54 -20.14 0.59
N LYS A 44 -13.14 -19.10 0.04
CA LYS A 44 -14.57 -18.81 0.35
C LYS A 44 -15.23 -18.07 -0.79
N PRO A 45 -16.56 -18.23 -0.90
CA PRO A 45 -17.35 -17.47 -1.89
C PRO A 45 -17.47 -15.99 -1.57
N PHE A 46 -17.61 -15.18 -2.61
CA PHE A 46 -17.81 -13.72 -2.49
C PHE A 46 -18.43 -13.22 -3.80
N THR A 47 -18.92 -11.99 -3.80
CA THR A 47 -19.42 -11.39 -5.05
C THR A 47 -18.60 -10.15 -5.36
N HIS A 48 -18.54 -9.80 -6.63
CA HIS A 48 -17.85 -8.56 -7.06
C HIS A 48 -18.67 -7.92 -8.16
N GLN A 49 -18.85 -6.61 -8.05
CA GLN A 49 -19.57 -5.78 -9.03
CA GLN A 49 -19.61 -5.89 -9.10
C GLN A 49 -18.63 -5.51 -10.21
N VAL A 50 -18.62 -6.33 -11.25
CA VAL A 50 -17.65 -6.18 -12.38
C VAL A 50 -18.17 -5.09 -13.33
N TYR A 51 -19.45 -5.19 -13.70
CA TYR A 51 -20.15 -4.24 -14.59
C TYR A 51 -20.89 -3.22 -13.72
N PRO A 52 -20.53 -1.91 -13.79
CA PRO A 52 -21.12 -0.91 -12.90
C PRO A 52 -22.65 -0.83 -12.92
N ASP A 53 -23.31 -1.08 -14.04
CA ASP A 53 -24.78 -0.83 -14.09
C ASP A 53 -25.56 -2.14 -14.12
N LEU A 54 -24.93 -3.29 -13.87
CA LEU A 54 -25.66 -4.57 -13.91
C LEU A 54 -25.58 -5.20 -12.52
N GLY A 55 -25.91 -6.47 -12.42
CA GLY A 55 -25.76 -7.25 -11.18
C GLY A 55 -24.28 -7.63 -10.99
N SER A 56 -24.02 -8.39 -9.93
CA SER A 56 -22.66 -8.80 -9.50
CA SER A 56 -22.67 -8.79 -9.50
C SER A 56 -22.33 -10.19 -10.04
N ALA A 57 -21.04 -10.54 -10.00
CA ALA A 57 -20.54 -11.86 -10.39
C ALA A 57 -20.25 -12.72 -9.14
N ASP A 58 -20.52 -14.01 -9.24
N ASP A 58 -20.60 -14.00 -9.21
CA ASP A 58 -20.30 -15.00 -8.15
CA ASP A 58 -20.31 -15.00 -8.14
C ASP A 58 -18.92 -15.65 -8.31
C ASP A 58 -18.91 -15.55 -8.34
N LEU A 59 -18.05 -15.43 -7.32
CA LEU A 59 -16.64 -15.89 -7.34
CA LEU A 59 -16.64 -15.93 -7.37
C LEU A 59 -16.36 -16.76 -6.11
N VAL A 60 -15.25 -17.50 -6.14
CA VAL A 60 -14.74 -18.26 -4.98
C VAL A 60 -13.22 -18.08 -5.01
N GLY A 61 -12.65 -17.54 -3.94
CA GLY A 61 -11.23 -17.12 -3.99
C GLY A 61 -10.48 -17.40 -2.72
N TYR A 62 -9.16 -17.42 -2.84
CA TYR A 62 -8.23 -17.36 -1.70
C TYR A 62 -8.46 -16.06 -0.95
N ASP A 63 -8.77 -16.19 0.36
CA ASP A 63 -9.07 -15.02 1.23
C ASP A 63 -10.22 -14.20 0.64
N GLY A 64 -11.14 -14.82 -0.07
CA GLY A 64 -12.34 -14.14 -0.58
C GLY A 64 -12.04 -12.99 -1.53
N MET A 65 -11.00 -13.14 -2.33
CA MET A 65 -10.64 -12.11 -3.33
CA MET A 65 -10.63 -12.11 -3.33
C MET A 65 -10.08 -12.81 -4.57
N SER A 66 -10.09 -12.11 -5.70
CA SER A 66 -9.52 -12.64 -6.94
C SER A 66 -8.86 -11.48 -7.67
N PRO A 67 -7.56 -11.56 -8.04
CA PRO A 67 -6.69 -12.67 -7.71
C PRO A 67 -6.52 -12.88 -6.20
N GLY A 68 -5.97 -14.02 -5.82
CA GLY A 68 -5.54 -14.24 -4.43
C GLY A 68 -4.48 -13.23 -4.05
N PRO A 69 -4.20 -13.07 -2.74
CA PRO A 69 -3.18 -12.15 -2.29
C PRO A 69 -1.82 -12.63 -2.80
N THR A 70 -0.93 -11.69 -3.00
CA THR A 70 0.45 -11.99 -3.49
C THR A 70 1.36 -12.41 -2.34
N PHE A 71 2.05 -13.54 -2.48
CA PHE A 71 3.13 -13.92 -1.55
C PHE A 71 4.43 -13.24 -1.99
N GLN A 72 5.25 -12.87 -1.02
CA GLN A 72 6.60 -12.30 -1.29
C GLN A 72 7.55 -12.99 -0.32
N VAL A 73 8.36 -13.92 -0.80
CA VAL A 73 9.11 -14.81 0.11
C VAL A 73 10.59 -14.76 -0.28
N PRO A 74 11.50 -14.52 0.67
CA PRO A 74 12.92 -14.56 0.34
C PRO A 74 13.44 -16.00 0.17
N ARG A 75 14.32 -16.20 -0.77
CA ARG A 75 15.05 -17.49 -0.92
CA ARG A 75 15.02 -17.50 -0.93
C ARG A 75 15.69 -17.86 0.42
N GLY A 76 15.50 -19.10 0.84
CA GLY A 76 16.14 -19.58 2.07
C GLY A 76 15.18 -19.63 3.25
N VAL A 77 13.98 -19.07 3.14
CA VAL A 77 12.98 -19.12 4.23
C VAL A 77 11.93 -20.16 3.86
N GLU A 78 11.83 -21.25 4.63
CA GLU A 78 10.75 -22.23 4.35
C GLU A 78 9.41 -21.64 4.77
N THR A 79 8.33 -22.05 4.10
CA THR A 79 6.98 -21.56 4.43
C THR A 79 6.04 -22.75 4.58
N VAL A 80 5.04 -22.58 5.46
CA VAL A 80 3.89 -23.51 5.53
C VAL A 80 2.64 -22.70 5.33
N VAL A 81 1.82 -23.10 4.39
CA VAL A 81 0.53 -22.42 4.13
C VAL A 81 -0.59 -23.39 4.46
N ARG A 82 -1.46 -22.97 5.39
CA ARG A 82 -2.68 -23.74 5.74
C ARG A 82 -3.80 -23.23 4.83
N PHE A 83 -4.12 -24.00 3.80
CA PHE A 83 -5.22 -23.67 2.87
C PHE A 83 -6.50 -24.31 3.42
N ILE A 84 -7.43 -23.45 3.83
CA ILE A 84 -8.70 -23.81 4.53
C ILE A 84 -9.86 -23.72 3.54
N ASN A 85 -10.57 -24.80 3.32
CA ASN A 85 -11.73 -24.85 2.37
C ASN A 85 -12.98 -24.46 3.15
N ASN A 86 -13.50 -23.26 2.93
CA ASN A 86 -14.82 -22.80 3.45
C ASN A 86 -15.74 -22.50 2.26
N ALA A 87 -15.71 -23.36 1.27
CA ALA A 87 -16.42 -23.13 0.00
C ALA A 87 -17.35 -24.33 -0.27
N GLU A 88 -17.68 -24.59 -1.53
CA GLU A 88 -18.81 -25.45 -1.96
CA GLU A 88 -18.79 -25.53 -1.82
C GLU A 88 -18.28 -26.71 -2.64
N ALA A 89 -17.04 -26.67 -3.15
CA ALA A 89 -16.44 -27.78 -3.90
C ALA A 89 -15.00 -27.99 -3.39
N PRO A 90 -14.44 -29.18 -3.61
CA PRO A 90 -13.10 -29.50 -3.15
C PRO A 90 -12.04 -28.62 -3.85
N ASN A 91 -10.85 -28.61 -3.26
CA ASN A 91 -9.70 -27.88 -3.85
C ASN A 91 -8.47 -28.76 -3.75
N SER A 92 -7.45 -28.43 -4.54
CA SER A 92 -6.07 -28.97 -4.37
C SER A 92 -5.12 -27.87 -4.80
N VAL A 93 -4.27 -27.36 -3.92
CA VAL A 93 -3.47 -26.16 -4.28
C VAL A 93 -2.14 -26.61 -4.91
N HIS A 94 -1.79 -26.05 -6.08
CA HIS A 94 -0.46 -26.25 -6.68
C HIS A 94 0.32 -24.94 -6.70
N LEU A 95 1.54 -24.95 -6.11
CA LEU A 95 2.48 -23.81 -6.26
C LEU A 95 3.30 -24.08 -7.50
N HIS A 96 2.88 -23.43 -8.59
CA HIS A 96 3.47 -23.65 -9.92
C HIS A 96 4.83 -22.92 -10.01
N GLY A 97 5.92 -23.67 -10.25
CA GLY A 97 7.29 -23.13 -10.32
C GLY A 97 8.14 -23.56 -9.14
N SER A 98 7.58 -24.37 -8.21
CA SER A 98 8.25 -24.83 -6.98
C SER A 98 8.52 -26.34 -7.03
N PHE A 99 9.75 -26.76 -6.69
CA PHE A 99 10.10 -28.20 -6.64
C PHE A 99 9.60 -28.78 -5.29
N SER A 100 8.32 -28.57 -5.01
CA SER A 100 7.68 -29.06 -3.77
C SER A 100 7.73 -30.61 -3.72
N ARG A 101 7.69 -31.22 -2.53
CA ARG A 101 7.52 -32.69 -2.47
C ARG A 101 6.14 -33.09 -3.04
N ALA A 102 6.01 -34.34 -3.45
CA ALA A 102 4.79 -34.83 -4.14
C ALA A 102 3.52 -34.52 -3.37
N ALA A 103 3.52 -34.68 -2.05
CA ALA A 103 2.34 -34.48 -1.18
C ALA A 103 2.09 -33.02 -0.83
N PHE A 104 2.94 -32.12 -1.30
CA PHE A 104 2.80 -30.66 -1.12
C PHE A 104 2.72 -29.95 -2.47
N ASP A 105 2.45 -30.67 -3.54
CA ASP A 105 2.57 -30.16 -4.94
C ASP A 105 1.19 -29.94 -5.59
N GLY A 106 0.06 -30.35 -4.99
CA GLY A 106 -1.24 -30.14 -5.66
C GLY A 106 -1.59 -31.25 -6.62
N TRP A 107 -1.14 -32.48 -6.35
CA TRP A 107 -1.62 -33.69 -7.07
C TRP A 107 -3.15 -33.61 -7.19
N ALA A 108 -3.68 -33.87 -8.39
CA ALA A 108 -5.11 -33.55 -8.69
C ALA A 108 -6.07 -34.36 -7.82
N GLU A 109 -5.67 -35.57 -7.35
CA GLU A 109 -6.55 -36.40 -6.48
C GLU A 109 -6.28 -36.07 -5.01
N ASP A 110 -5.26 -35.26 -4.68
CA ASP A 110 -4.93 -34.94 -3.26
C ASP A 110 -5.80 -33.77 -2.79
N ILE A 111 -7.12 -33.98 -2.67
CA ILE A 111 -8.11 -32.92 -2.47
C ILE A 111 -8.33 -32.64 -0.99
N THR A 112 -8.77 -31.42 -0.74
CA THR A 112 -9.33 -30.92 0.52
C THR A 112 -10.84 -30.73 0.30
N GLU A 113 -11.68 -31.41 1.09
CA GLU A 113 -13.17 -31.18 1.02
C GLU A 113 -13.58 -29.91 1.75
N PRO A 114 -14.72 -29.28 1.39
CA PRO A 114 -15.28 -28.24 2.23
C PRO A 114 -15.36 -28.71 3.70
N GLY A 115 -14.95 -27.83 4.61
CA GLY A 115 -14.85 -28.14 6.05
C GLY A 115 -13.55 -28.81 6.46
N SER A 116 -12.56 -28.88 5.57
CA SER A 116 -11.19 -29.38 5.85
C SER A 116 -10.15 -28.34 5.42
N PHE A 117 -8.93 -28.51 5.91
CA PHE A 117 -7.74 -27.71 5.52
C PHE A 117 -6.60 -28.67 5.22
N LYS A 118 -5.58 -28.19 4.51
CA LYS A 118 -4.33 -28.95 4.35
C LYS A 118 -3.14 -28.00 4.54
N ASP A 119 -2.14 -28.45 5.26
CA ASP A 119 -0.87 -27.71 5.47
C ASP A 119 0.10 -28.07 4.34
N TYR A 120 0.52 -27.04 3.58
CA TYR A 120 1.49 -27.22 2.48
C TYR A 120 2.84 -26.67 2.95
N TYR A 121 3.88 -27.48 2.83
CA TYR A 121 5.26 -27.14 3.25
C TYR A 121 6.11 -26.89 2.01
N TYR A 122 6.55 -25.64 1.83
CA TYR A 122 7.30 -25.19 0.63
C TYR A 122 8.76 -24.91 0.93
N PRO A 123 9.68 -25.19 -0.03
CA PRO A 123 11.12 -25.07 0.18
C PRO A 123 11.70 -23.68 -0.02
N ASN A 124 11.24 -22.95 -1.05
CA ASN A 124 11.75 -21.58 -1.39
C ASN A 124 13.26 -21.56 -1.53
N ARG A 125 13.83 -22.54 -2.22
CA ARG A 125 15.28 -22.66 -2.46
C ARG A 125 15.68 -22.32 -3.89
N GLN A 126 14.76 -22.39 -4.84
CA GLN A 126 15.11 -22.22 -6.26
C GLN A 126 15.53 -20.76 -6.56
N SER A 127 15.96 -20.54 -7.79
CA SER A 127 16.32 -19.19 -8.29
CA SER A 127 16.31 -19.18 -8.29
C SER A 127 15.12 -18.25 -8.15
N ALA A 128 15.39 -16.98 -7.88
CA ALA A 128 14.36 -15.94 -7.88
C ALA A 128 13.52 -16.05 -9.16
N ARG A 129 12.20 -15.95 -9.02
CA ARG A 129 11.28 -16.19 -10.15
C ARG A 129 9.89 -15.75 -9.70
N THR A 130 9.00 -15.62 -10.67
CA THR A 130 7.58 -15.38 -10.44
C THR A 130 6.86 -16.74 -10.49
N LEU A 131 6.48 -17.26 -9.31
CA LEU A 131 5.61 -18.45 -9.18
C LEU A 131 4.16 -17.99 -9.14
N TRP A 132 3.24 -18.95 -9.25
CA TRP A 132 1.82 -18.67 -9.03
C TRP A 132 1.19 -19.90 -8.38
N TYR A 133 0.24 -19.66 -7.48
CA TYR A 133 -0.50 -20.75 -6.80
C TYR A 133 -1.91 -20.79 -7.36
N HIS A 134 -2.40 -21.98 -7.66
CA HIS A 134 -3.74 -22.11 -8.28
C HIS A 134 -4.36 -23.46 -7.96
N ASP A 135 -5.68 -23.54 -8.20
CA ASP A 135 -6.36 -24.83 -7.95
C ASP A 135 -5.93 -25.86 -8.97
N HIS A 136 -5.96 -27.13 -8.59
CA HIS A 136 -5.57 -28.27 -9.42
C HIS A 136 -6.47 -29.49 -9.19
N ALA A 137 -7.65 -29.33 -8.55
CA ALA A 137 -8.53 -30.50 -8.21
C ALA A 137 -9.01 -31.22 -9.50
N MET A 138 -8.96 -32.54 -9.47
CA MET A 138 -9.29 -33.36 -10.66
CA MET A 138 -9.37 -33.47 -10.55
C MET A 138 -10.73 -33.08 -11.14
N HIS A 139 -10.77 -32.83 -12.45
CA HIS A 139 -11.91 -32.48 -13.35
C HIS A 139 -12.58 -31.14 -13.08
N ILE A 140 -12.21 -30.37 -12.04
CA ILE A 140 -12.87 -29.09 -11.74
C ILE A 140 -11.83 -27.95 -11.70
N THR A 141 -10.66 -28.19 -12.25
CA THR A 141 -9.56 -27.18 -12.23
C THR A 141 -9.99 -25.95 -13.04
N ALA A 142 -10.54 -26.13 -14.23
CA ALA A 142 -10.93 -24.97 -15.07
C ALA A 142 -11.87 -24.07 -14.29
N GLU A 143 -12.99 -24.61 -13.77
CA GLU A 143 -14.00 -23.79 -13.07
C GLU A 143 -13.40 -23.20 -11.77
N ASN A 144 -12.64 -23.96 -10.98
CA ASN A 144 -12.05 -23.40 -9.73
C ASN A 144 -11.11 -22.22 -10.05
N ALA A 145 -10.29 -22.34 -11.08
CA ALA A 145 -9.36 -21.24 -11.46
C ALA A 145 -10.16 -20.06 -12.02
N TYR A 146 -11.10 -20.32 -12.92
CA TYR A 146 -11.95 -19.32 -13.59
C TYR A 146 -12.72 -18.50 -12.56
N ARG A 147 -13.24 -19.16 -11.52
CA ARG A 147 -14.06 -18.45 -10.50
C ARG A 147 -13.19 -17.78 -9.44
N GLY A 148 -11.85 -17.89 -9.53
CA GLY A 148 -11.01 -17.02 -8.67
C GLY A 148 -9.77 -17.64 -8.07
N GLN A 149 -9.57 -18.97 -8.08
CA GLN A 149 -8.46 -19.59 -7.29
C GLN A 149 -7.15 -19.58 -8.08
N ALA A 150 -6.56 -18.39 -8.17
CA ALA A 150 -5.19 -18.19 -8.67
C ALA A 150 -4.62 -16.95 -7.98
N GLY A 151 -3.33 -16.94 -7.67
CA GLY A 151 -2.63 -15.78 -7.11
C GLY A 151 -1.15 -15.85 -7.39
N LEU A 152 -0.41 -14.75 -7.15
CA LEU A 152 1.04 -14.67 -7.45
C LEU A 152 1.86 -15.04 -6.22
N TYR A 153 3.06 -15.58 -6.44
CA TYR A 153 4.02 -15.94 -5.37
C TYR A 153 5.42 -15.57 -5.87
N MET A 154 5.95 -14.46 -5.38
CA MET A 154 7.27 -13.94 -5.80
C MET A 154 8.32 -14.52 -4.88
N LEU A 155 9.31 -15.19 -5.45
CA LEU A 155 10.50 -15.69 -4.73
C LEU A 155 11.67 -14.73 -5.03
N THR A 156 12.21 -14.10 -3.99
CA THR A 156 13.17 -12.98 -4.14
C THR A 156 14.57 -13.44 -3.71
N ASP A 157 15.55 -12.65 -4.13
N ASP A 157 15.64 -12.84 -4.26
CA ASP A 157 16.98 -12.89 -3.84
CA ASP A 157 17.03 -13.28 -3.94
C ASP A 157 17.67 -11.53 -3.78
C ASP A 157 18.04 -12.14 -4.10
N PRO A 158 18.36 -11.17 -2.67
N PRO A 158 19.10 -12.10 -3.25
CA PRO A 158 19.13 -9.91 -2.64
CA PRO A 158 19.99 -10.94 -3.21
C PRO A 158 20.13 -9.80 -3.80
C PRO A 158 20.79 -10.74 -4.51
N ALA A 159 20.67 -10.91 -4.31
N ALA A 159 21.13 -11.82 -5.21
CA ALA A 159 21.60 -10.86 -5.47
CA ALA A 159 21.78 -11.74 -6.54
C ALA A 159 20.87 -10.35 -6.73
C ALA A 159 20.88 -10.96 -7.49
N GLU A 160 19.59 -10.73 -6.92
N GLU A 160 19.56 -11.02 -7.30
CA GLU A 160 18.83 -10.26 -8.12
CA GLU A 160 18.66 -10.28 -8.23
C GLU A 160 18.48 -8.80 -7.82
C GLU A 160 18.41 -8.82 -7.84
N ASP A 161 18.16 -8.48 -6.56
CA ASP A 161 17.85 -7.10 -6.16
C ASP A 161 19.06 -6.19 -6.46
N ALA A 162 20.27 -6.72 -6.40
CA ALA A 162 21.50 -5.94 -6.65
C ALA A 162 21.62 -5.55 -8.13
N LEU A 163 20.84 -6.14 -9.05
CA LEU A 163 20.85 -5.72 -10.47
C LEU A 163 20.21 -4.34 -10.64
N ASN A 164 19.46 -3.80 -9.65
CA ASN A 164 18.85 -2.46 -9.72
C ASN A 164 17.79 -2.40 -10.81
N LEU A 165 17.09 -3.51 -11.06
CA LEU A 165 15.88 -3.49 -11.92
C LEU A 165 14.82 -2.59 -11.29
N PRO A 166 13.82 -2.09 -12.04
CA PRO A 166 12.71 -1.34 -11.45
C PRO A 166 12.07 -2.13 -10.29
N SER A 167 11.81 -1.44 -9.18
CA SER A 167 11.55 -2.11 -7.90
C SER A 167 10.35 -1.53 -7.18
N GLY A 168 9.91 -2.29 -6.17
CA GLY A 168 8.82 -1.91 -5.27
C GLY A 168 7.49 -2.47 -5.79
N TYR A 169 6.97 -3.50 -5.11
CA TYR A 169 5.70 -4.15 -5.53
C TYR A 169 4.59 -3.10 -5.52
N GLY A 170 3.93 -2.89 -6.66
CA GLY A 170 2.86 -1.90 -6.79
C GLY A 170 3.37 -0.49 -7.03
N GLU A 171 4.69 -0.29 -7.03
CA GLU A 171 5.34 1.01 -7.31
C GLU A 171 5.88 0.95 -8.75
N PHE A 172 7.06 0.34 -8.97
CA PHE A 172 7.62 0.18 -10.33
C PHE A 172 7.75 -1.30 -10.69
N ASP A 173 7.31 -2.21 -9.81
CA ASP A 173 7.29 -3.67 -10.08
C ASP A 173 5.83 -4.11 -10.03
N ILE A 174 5.21 -4.34 -11.19
CA ILE A 174 3.72 -4.38 -11.32
C ILE A 174 3.28 -5.76 -11.76
N PRO A 175 2.44 -6.47 -10.97
CA PRO A 175 1.87 -7.75 -11.41
C PRO A 175 0.88 -7.54 -12.57
N MET A 176 0.93 -8.44 -13.53
CA MET A 176 0.09 -8.37 -14.76
C MET A 176 -0.51 -9.77 -15.02
N ILE A 177 -1.48 -10.13 -14.21
CA ILE A 177 -2.17 -11.44 -14.29
C ILE A 177 -3.29 -11.31 -15.33
N LEU A 178 -3.15 -12.02 -16.44
CA LEU A 178 -4.09 -11.94 -17.59
C LEU A 178 -5.12 -13.07 -17.48
N THR A 179 -6.39 -12.72 -17.63
CA THR A 179 -7.47 -13.72 -17.75
C THR A 179 -8.43 -13.29 -18.86
N SER A 180 -9.25 -14.24 -19.30
CA SER A 180 -10.20 -14.05 -20.41
C SER A 180 -11.50 -14.79 -20.07
N LYS A 181 -12.59 -14.05 -19.83
CA LYS A 181 -13.84 -14.66 -19.34
C LYS A 181 -15.03 -14.15 -20.17
N GLN A 182 -16.23 -14.64 -19.85
CA GLN A 182 -17.46 -14.24 -20.54
C GLN A 182 -18.52 -13.99 -19.46
N TYR A 183 -19.34 -12.95 -19.65
CA TYR A 183 -20.36 -12.53 -18.67
C TYR A 183 -21.74 -12.67 -19.33
N THR A 184 -22.72 -12.89 -18.46
CA THR A 184 -24.16 -12.93 -18.84
C THR A 184 -24.69 -11.52 -19.00
N ALA A 185 -25.92 -11.40 -19.52
CA ALA A 185 -26.55 -10.09 -19.74
C ALA A 185 -26.70 -9.32 -18.43
N ASN A 186 -26.79 -10.00 -17.28
N ASN A 186 -26.77 -10.00 -17.28
CA ASN A 186 -26.95 -9.32 -15.96
CA ASN A 186 -26.96 -9.37 -15.94
C ASN A 186 -25.63 -9.27 -15.18
C ASN A 186 -25.63 -9.20 -15.19
N GLY A 187 -24.48 -9.45 -15.86
CA GLY A 187 -23.16 -9.16 -15.28
C GLY A 187 -22.60 -10.28 -14.41
N ASN A 188 -23.18 -11.48 -14.42
CA ASN A 188 -22.61 -12.65 -13.73
C ASN A 188 -21.65 -13.36 -14.69
N LEU A 189 -20.83 -14.27 -14.20
CA LEU A 189 -19.98 -15.10 -15.07
C LEU A 189 -20.80 -16.16 -15.80
N VAL A 190 -20.45 -16.37 -17.05
CA VAL A 190 -20.78 -17.60 -17.82
C VAL A 190 -19.89 -18.73 -17.31
N THR A 191 -20.48 -19.81 -16.81
CA THR A 191 -19.73 -20.98 -16.30
C THR A 191 -18.92 -21.63 -17.42
N THR A 192 -17.79 -22.24 -17.07
CA THR A 192 -17.02 -23.11 -18.00
C THR A 192 -17.62 -24.52 -18.04
N ASN A 193 -18.48 -24.87 -17.08
CA ASN A 193 -19.01 -26.26 -17.00
C ASN A 193 -19.71 -26.60 -18.32
N GLY A 194 -19.47 -27.80 -18.84
CA GLY A 194 -20.06 -28.22 -20.13
C GLY A 194 -19.11 -28.03 -21.28
N GLU A 195 -18.11 -27.14 -21.15
CA GLU A 195 -17.19 -26.86 -22.27
C GLU A 195 -16.14 -27.98 -22.36
N LEU A 196 -16.01 -28.61 -23.52
CA LEU A 196 -15.03 -29.71 -23.71
C LEU A 196 -13.95 -29.39 -24.74
N ASN A 197 -14.09 -28.30 -25.51
N ASN A 197 -13.99 -28.24 -25.40
CA ASN A 197 -13.12 -27.86 -26.56
CA ASN A 197 -12.99 -27.94 -26.46
C ASN A 197 -12.12 -26.85 -25.96
C ASN A 197 -12.06 -26.81 -25.98
N SER A 198 -12.59 -25.63 -25.68
CA SER A 198 -11.82 -24.52 -25.08
C SER A 198 -12.80 -23.45 -24.68
N PHE A 199 -12.49 -22.71 -23.64
CA PHE A 199 -13.28 -21.58 -23.16
C PHE A 199 -12.50 -20.30 -23.41
N TRP A 200 -12.77 -19.64 -24.53
CA TRP A 200 -11.86 -18.53 -24.98
C TRP A 200 -12.05 -17.31 -24.11
N GLY A 201 -13.30 -16.92 -23.85
CA GLY A 201 -13.65 -15.66 -23.21
C GLY A 201 -13.56 -14.49 -24.17
N ASP A 202 -14.42 -13.51 -24.00
CA ASP A 202 -14.41 -12.30 -24.84
C ASP A 202 -14.09 -11.03 -24.04
N VAL A 203 -13.83 -11.14 -22.73
CA VAL A 203 -13.51 -9.99 -21.86
C VAL A 203 -12.10 -10.21 -21.30
N ILE A 204 -11.17 -9.33 -21.65
CA ILE A 204 -9.75 -9.41 -21.21
C ILE A 204 -9.67 -8.67 -19.88
N HIS A 205 -9.08 -9.36 -18.89
CA HIS A 205 -8.86 -8.83 -17.52
C HIS A 205 -7.35 -8.71 -17.24
N VAL A 206 -6.97 -7.70 -16.44
CA VAL A 206 -5.65 -7.64 -15.78
C VAL A 206 -5.90 -7.56 -14.28
N ASN A 207 -5.31 -8.48 -13.52
CA ASN A 207 -5.50 -8.55 -12.05
C ASN A 207 -6.99 -8.50 -11.71
N GLY A 208 -7.80 -9.25 -12.49
CA GLY A 208 -9.21 -9.48 -12.18
C GLY A 208 -10.12 -8.38 -12.68
N GLN A 209 -9.57 -7.32 -13.31
CA GLN A 209 -10.36 -6.14 -13.75
C GLN A 209 -10.43 -6.12 -15.28
N PRO A 210 -11.64 -6.14 -15.90
CA PRO A 210 -11.74 -5.89 -17.35
C PRO A 210 -11.09 -4.56 -17.76
N TRP A 211 -10.32 -4.62 -18.85
CA TRP A 211 -9.77 -3.46 -19.61
C TRP A 211 -9.51 -2.24 -18.71
N PRO A 212 -8.54 -2.33 -17.78
CA PRO A 212 -8.23 -1.21 -16.90
C PRO A 212 -7.32 -0.16 -17.52
N PHE A 213 -7.04 0.90 -16.76
CA PHE A 213 -5.98 1.88 -17.06
C PHE A 213 -5.02 1.98 -15.88
N LYS A 214 -3.84 2.51 -16.12
CA LYS A 214 -2.94 2.91 -15.01
C LYS A 214 -2.21 4.17 -15.40
N ASN A 215 -2.14 5.13 -14.47
CA ASN A 215 -1.28 6.32 -14.62
C ASN A 215 0.16 5.93 -14.32
N VAL A 216 1.05 6.18 -15.28
CA VAL A 216 2.50 5.87 -15.14
C VAL A 216 3.32 7.15 -15.33
N GLU A 217 4.49 7.17 -14.73
CA GLU A 217 5.51 8.22 -14.99
C GLU A 217 6.39 7.81 -16.18
N PRO A 218 7.04 8.79 -16.85
CA PRO A 218 7.85 8.50 -18.04
C PRO A 218 9.22 7.95 -17.64
N ARG A 219 9.21 6.67 -17.22
CA ARG A 219 10.40 5.96 -16.78
C ARG A 219 10.18 4.45 -16.92
N LYS A 220 11.11 3.68 -16.38
CA LYS A 220 11.11 2.20 -16.53
C LYS A 220 10.26 1.53 -15.46
N TYR A 221 9.48 0.53 -15.88
CA TYR A 221 8.65 -0.34 -15.03
C TYR A 221 8.99 -1.81 -15.34
N ARG A 222 8.94 -2.64 -14.31
CA ARG A 222 9.03 -4.11 -14.43
C ARG A 222 7.57 -4.61 -14.40
N PHE A 223 7.16 -5.33 -15.41
CA PHE A 223 5.82 -5.96 -15.53
C PHE A 223 5.97 -7.48 -15.45
N ARG A 224 5.27 -8.12 -14.50
CA ARG A 224 5.31 -9.60 -14.32
C ARG A 224 4.05 -10.16 -15.01
N PHE A 225 4.18 -10.58 -16.28
CA PHE A 225 3.06 -11.19 -17.05
C PHE A 225 2.89 -12.65 -16.66
N LEU A 226 1.63 -13.00 -16.37
CA LEU A 226 1.19 -14.39 -16.11
C LEU A 226 -0.07 -14.61 -16.96
N ASP A 227 -0.09 -15.66 -17.78
CA ASP A 227 -1.36 -16.06 -18.44
C ASP A 227 -2.12 -17.04 -17.53
N ALA A 228 -3.06 -16.54 -16.76
CA ALA A 228 -3.90 -17.35 -15.84
C ALA A 228 -5.25 -17.68 -16.50
N ALA A 229 -5.40 -17.46 -17.80
CA ALA A 229 -6.66 -17.74 -18.51
C ALA A 229 -6.91 -19.24 -18.54
N VAL A 230 -8.17 -19.61 -18.71
CA VAL A 230 -8.58 -21.03 -18.94
C VAL A 230 -8.01 -21.53 -20.26
N SER A 231 -8.25 -20.82 -21.37
CA SER A 231 -7.84 -21.31 -22.70
C SER A 231 -7.19 -20.23 -23.60
N ARG A 232 -7.17 -18.94 -23.24
CA ARG A 232 -6.66 -17.91 -24.18
C ARG A 232 -5.14 -17.80 -24.08
N SER A 233 -4.47 -17.93 -25.23
CA SER A 233 -3.04 -17.56 -25.46
C SER A 233 -3.00 -16.14 -26.03
N PHE A 234 -1.89 -15.44 -25.86
CA PHE A 234 -1.75 -14.00 -26.25
C PHE A 234 -0.51 -13.79 -27.10
N GLY A 235 -0.55 -12.75 -27.95
CA GLY A 235 0.62 -12.14 -28.59
C GLY A 235 0.68 -10.68 -28.23
N LEU A 236 1.39 -10.36 -27.14
CA LEU A 236 1.32 -9.00 -26.53
C LEU A 236 2.23 -8.03 -27.28
N TYR A 237 1.75 -6.81 -27.45
CA TYR A 237 2.58 -5.68 -27.95
C TYR A 237 2.05 -4.38 -27.38
N PHE A 238 2.89 -3.34 -27.39
CA PHE A 238 2.56 -1.99 -26.89
C PHE A 238 2.48 -1.05 -28.08
N ALA A 239 1.54 -0.13 -28.06
CA ALA A 239 1.40 0.88 -29.14
C ALA A 239 0.90 2.19 -28.57
N ASP A 240 1.45 3.29 -29.07
CA ASP A 240 0.93 4.65 -28.83
C ASP A 240 -0.46 4.76 -29.44
N THR A 241 -1.45 5.30 -28.72
CA THR A 241 -2.83 5.46 -29.27
C THR A 241 -2.81 6.37 -30.52
N ASP A 242 -1.80 7.19 -30.72
CA ASP A 242 -1.62 8.05 -31.94
CA ASP A 242 -1.70 8.04 -31.96
C ASP A 242 -1.15 7.21 -33.13
N ALA A 243 -0.68 5.97 -32.91
CA ALA A 243 -0.17 5.06 -33.98
C ALA A 243 -0.38 3.61 -33.55
N ILE A 244 -1.63 3.20 -33.57
CA ILE A 244 -2.11 2.08 -32.73
C ILE A 244 -1.62 0.75 -33.29
N ASP A 245 -1.06 0.69 -34.52
CA ASP A 245 -0.53 -0.53 -35.15
C ASP A 245 1.02 -0.56 -35.10
N THR A 246 1.68 0.48 -34.57
CA THR A 246 3.16 0.56 -34.56
C THR A 246 3.68 0.00 -33.21
N ARG A 247 4.31 -1.18 -33.26
CA ARG A 247 4.73 -1.88 -32.02
CA ARG A 247 4.77 -1.92 -32.05
C ARG A 247 5.95 -1.18 -31.43
N LEU A 248 5.95 -0.97 -30.12
CA LEU A 248 7.04 -0.28 -29.42
C LEU A 248 7.98 -1.31 -28.78
N PRO A 249 9.30 -1.16 -28.95
N PRO A 249 9.30 -1.11 -28.81
CA PRO A 249 10.26 -2.07 -28.31
CA PRO A 249 10.22 -2.14 -28.35
C PRO A 249 10.22 -2.13 -26.78
C PRO A 249 10.28 -2.14 -26.81
N PHE A 250 10.55 -3.33 -26.26
CA PHE A 250 10.70 -3.57 -24.82
C PHE A 250 11.73 -4.67 -24.61
N LYS A 251 12.00 -5.00 -23.34
CA LYS A 251 13.02 -6.02 -23.02
C LYS A 251 12.36 -7.10 -22.17
N VAL A 252 12.53 -8.36 -22.55
CA VAL A 252 12.13 -9.49 -21.67
C VAL A 252 13.35 -9.81 -20.80
N ILE A 253 13.17 -9.85 -19.49
CA ILE A 253 14.29 -10.09 -18.53
C ILE A 253 14.19 -11.45 -17.85
N ALA A 254 13.01 -12.09 -17.86
CA ALA A 254 12.85 -13.38 -17.16
C ALA A 254 11.74 -14.22 -17.78
N SER A 255 11.90 -15.52 -17.63
CA SER A 255 10.95 -16.56 -18.05
C SER A 255 10.45 -17.31 -16.79
N ASP A 256 9.78 -18.44 -16.99
CA ASP A 256 9.06 -19.13 -15.89
C ASP A 256 10.02 -19.33 -14.69
N SER A 257 11.26 -19.75 -14.96
CA SER A 257 12.21 -20.25 -13.93
C SER A 257 13.12 -19.14 -13.41
N GLY A 258 13.05 -17.93 -13.97
CA GLY A 258 13.93 -16.83 -13.53
C GLY A 258 14.60 -16.10 -14.67
N LEU A 259 15.62 -15.33 -14.32
CA LEU A 259 16.25 -14.38 -15.29
C LEU A 259 16.75 -15.12 -16.54
N LEU A 260 16.62 -14.48 -17.69
CA LEU A 260 17.40 -14.84 -18.90
C LEU A 260 18.88 -14.51 -18.68
N GLU A 261 19.75 -15.01 -19.55
CA GLU A 261 21.20 -14.72 -19.46
C GLU A 261 21.44 -13.23 -19.74
N HIS A 262 20.68 -12.71 -20.69
CA HIS A 262 20.72 -11.32 -21.18
C HIS A 262 19.30 -10.90 -21.48
N PRO A 263 18.97 -9.61 -21.44
CA PRO A 263 17.65 -9.19 -21.86
C PRO A 263 17.43 -9.50 -23.35
N ALA A 264 16.19 -9.86 -23.70
CA ALA A 264 15.78 -10.12 -25.10
C ALA A 264 15.03 -8.91 -25.58
N ASP A 265 15.57 -8.21 -26.57
CA ASP A 265 14.89 -7.03 -27.17
C ASP A 265 13.76 -7.55 -28.05
N THR A 266 12.52 -7.14 -27.77
CA THR A 266 11.29 -7.81 -28.24
C THR A 266 10.27 -6.71 -28.57
N SER A 267 9.44 -6.90 -29.60
N SER A 267 9.44 -6.90 -29.61
CA SER A 267 8.26 -6.02 -29.84
CA SER A 267 8.27 -6.01 -29.86
C SER A 267 6.98 -6.84 -29.80
C SER A 267 6.99 -6.85 -29.88
N LEU A 268 7.09 -8.17 -29.79
CA LEU A 268 5.91 -9.07 -29.73
C LEU A 268 6.24 -10.21 -28.77
N LEU A 269 5.42 -10.42 -27.73
CA LEU A 269 5.65 -11.48 -26.73
C LEU A 269 4.51 -12.51 -26.81
N TYR A 270 4.81 -13.71 -27.33
CA TYR A 270 3.86 -14.85 -27.24
C TYR A 270 3.82 -15.30 -25.79
N ILE A 271 2.62 -15.50 -25.24
CA ILE A 271 2.49 -16.02 -23.83
C ILE A 271 1.24 -16.87 -23.77
N SER A 272 1.42 -18.13 -23.41
CA SER A 272 0.31 -19.12 -23.36
C SER A 272 0.05 -19.51 -21.91
N MET A 273 -0.99 -20.30 -21.70
CA MET A 273 -1.49 -20.56 -20.33
C MET A 273 -0.37 -21.09 -19.44
N ALA A 274 -0.21 -20.45 -18.28
CA ALA A 274 0.67 -20.80 -17.14
C ALA A 274 2.09 -20.26 -17.34
N GLU A 275 2.41 -19.70 -18.51
CA GLU A 275 3.73 -19.06 -18.73
C GLU A 275 3.81 -17.74 -17.94
N ARG A 276 5.01 -17.47 -17.41
CA ARG A 276 5.38 -16.16 -16.81
C ARG A 276 6.51 -15.57 -17.63
N TYR A 277 6.39 -14.30 -17.98
CA TYR A 277 7.50 -13.51 -18.56
C TYR A 277 7.54 -12.16 -17.86
N GLU A 278 8.73 -11.73 -17.46
CA GLU A 278 8.91 -10.40 -16.84
C GLU A 278 9.53 -9.46 -17.89
N VAL A 279 8.93 -8.29 -18.03
CA VAL A 279 9.27 -7.30 -19.09
C VAL A 279 9.69 -6.02 -18.38
N VAL A 280 10.67 -5.33 -18.94
CA VAL A 280 10.89 -3.91 -18.56
C VAL A 280 10.50 -3.06 -19.76
N PHE A 281 9.54 -2.17 -19.54
CA PHE A 281 9.04 -1.19 -20.53
C PHE A 281 9.50 0.19 -20.08
N ASP A 282 10.12 0.95 -20.97
CA ASP A 282 10.65 2.31 -20.69
C ASP A 282 9.66 3.32 -21.26
N PHE A 283 8.90 3.98 -20.40
CA PHE A 283 7.93 4.99 -20.85
C PHE A 283 8.60 6.38 -21.12
N SER A 284 9.91 6.52 -20.97
CA SER A 284 10.55 7.86 -21.00
CA SER A 284 10.70 7.78 -21.08
C SER A 284 10.38 8.52 -22.38
N ASP A 285 10.37 7.78 -23.48
CA ASP A 285 10.17 8.36 -24.84
C ASP A 285 8.72 8.74 -25.11
N TYR A 286 7.78 8.46 -24.19
CA TYR A 286 6.32 8.54 -24.44
C TYR A 286 5.67 9.49 -23.41
N ALA A 287 6.43 10.44 -22.88
CA ALA A 287 5.89 11.45 -21.95
C ALA A 287 4.66 12.14 -22.58
N GLY A 288 3.56 12.19 -21.84
CA GLY A 288 2.33 12.84 -22.28
C GLY A 288 1.49 12.06 -23.27
N LYS A 289 1.86 10.80 -23.54
N LYS A 289 1.87 10.81 -23.55
CA LYS A 289 1.12 9.94 -24.49
CA LYS A 289 1.13 9.93 -24.47
C LYS A 289 0.38 8.85 -23.70
C LYS A 289 0.30 8.92 -23.67
N THR A 290 -0.56 8.20 -24.37
CA THR A 290 -1.27 7.00 -23.86
C THR A 290 -0.74 5.80 -24.66
N ILE A 291 -0.22 4.80 -23.95
CA ILE A 291 0.28 3.54 -24.55
C ILE A 291 -0.74 2.44 -24.25
N GLU A 292 -1.22 1.76 -25.30
CA GLU A 292 -2.19 0.66 -25.13
C GLU A 292 -1.42 -0.66 -25.23
N LEU A 293 -1.58 -1.52 -24.23
CA LEU A 293 -1.19 -2.93 -24.32
C LEU A 293 -2.25 -3.66 -25.12
N ARG A 294 -1.81 -4.30 -26.19
CA ARG A 294 -2.71 -4.96 -27.19
CA ARG A 294 -2.70 -4.95 -27.19
C ARG A 294 -2.35 -6.43 -27.33
N ASN A 295 -3.21 -7.14 -28.06
CA ASN A 295 -3.12 -8.58 -28.29
C ASN A 295 -3.32 -8.82 -29.79
N LEU A 296 -2.40 -9.59 -30.39
N LEU A 296 -2.41 -9.59 -30.40
CA LEU A 296 -2.56 -10.07 -31.77
CA LEU A 296 -2.41 -9.99 -31.83
C LEU A 296 -3.96 -10.66 -31.98
C LEU A 296 -3.64 -10.86 -32.17
N GLY A 297 -4.45 -10.46 -33.19
CA GLY A 297 -5.56 -11.27 -33.73
C GLY A 297 -5.09 -12.36 -34.68
N GLY A 298 -6.02 -12.87 -35.50
CA GLY A 298 -5.75 -14.01 -36.38
C GLY A 298 -5.27 -15.24 -35.65
N SER A 299 -5.88 -15.52 -34.49
CA SER A 299 -5.51 -16.66 -33.62
C SER A 299 -4.00 -16.58 -33.31
N ILE A 300 -3.60 -15.48 -32.67
CA ILE A 300 -2.16 -15.21 -32.32
C ILE A 300 -1.30 -15.40 -33.58
N GLY A 301 -1.68 -14.71 -34.65
CA GLY A 301 -0.86 -14.63 -35.89
C GLY A 301 -0.63 -15.99 -36.53
N GLY A 302 -1.63 -16.87 -36.46
CA GLY A 302 -1.53 -18.20 -37.08
C GLY A 302 -0.83 -19.23 -36.21
N ILE A 303 -0.34 -18.86 -35.04
CA ILE A 303 0.29 -19.87 -34.14
C ILE A 303 -0.80 -20.66 -33.41
N GLY A 304 -1.88 -20.01 -33.02
CA GLY A 304 -2.98 -20.64 -32.29
C GLY A 304 -4.21 -20.97 -33.12
N THR A 305 -5.28 -21.30 -32.40
CA THR A 305 -6.63 -21.53 -32.97
C THR A 305 -7.68 -20.73 -32.22
N ASP A 306 -7.29 -19.93 -31.23
CA ASP A 306 -8.24 -19.19 -30.35
C ASP A 306 -9.22 -18.34 -31.16
N THR A 307 -10.47 -18.29 -30.73
CA THR A 307 -11.43 -17.33 -31.30
C THR A 307 -11.05 -15.91 -30.84
N ASP A 308 -11.12 -14.97 -31.77
CA ASP A 308 -10.96 -13.54 -31.53
C ASP A 308 -12.31 -12.85 -31.50
N TYR A 309 -12.51 -11.92 -30.57
CA TYR A 309 -13.76 -11.14 -30.44
C TYR A 309 -13.47 -9.67 -30.61
N ASP A 310 -14.53 -8.87 -30.71
CA ASP A 310 -14.42 -7.43 -31.01
C ASP A 310 -13.37 -6.72 -30.17
N ASN A 311 -13.22 -7.07 -28.89
CA ASN A 311 -12.31 -6.29 -28.00
C ASN A 311 -11.20 -7.16 -27.40
N THR A 312 -10.95 -8.36 -27.91
CA THR A 312 -9.84 -9.20 -27.39
C THR A 312 -8.49 -8.78 -28.01
N ASP A 313 -8.45 -7.72 -28.83
CA ASP A 313 -7.21 -7.04 -29.30
CA ASP A 313 -7.15 -7.13 -29.25
C ASP A 313 -6.70 -6.02 -28.28
N LYS A 314 -7.48 -5.77 -27.25
CA LYS A 314 -7.19 -4.72 -26.24
C LYS A 314 -6.96 -5.35 -24.88
N VAL A 315 -5.93 -4.89 -24.18
CA VAL A 315 -5.65 -5.40 -22.81
C VAL A 315 -5.84 -4.27 -21.82
N MET A 316 -5.00 -3.23 -21.84
CA MET A 316 -5.18 -2.10 -20.90
C MET A 316 -4.48 -0.86 -21.47
N ARG A 317 -4.69 0.30 -20.81
CA ARG A 317 -4.02 1.55 -21.22
C ARG A 317 -3.14 2.12 -20.09
N PHE A 318 -1.99 2.62 -20.48
CA PHE A 318 -1.05 3.36 -19.60
C PHE A 318 -1.07 4.82 -20.00
N VAL A 319 -1.39 5.69 -19.06
CA VAL A 319 -1.47 7.14 -19.33
C VAL A 319 -0.18 7.76 -18.79
N VAL A 320 0.69 8.23 -19.68
CA VAL A 320 2.06 8.64 -19.27
C VAL A 320 2.12 10.12 -18.91
N ALA A 321 2.55 10.44 -17.70
CA ALA A 321 2.77 11.83 -17.26
C ALA A 321 3.86 12.51 -18.06
N ASP A 322 3.95 13.84 -17.93
CA ASP A 322 4.97 14.65 -18.63
C ASP A 322 6.36 14.51 -18.00
N ASP A 323 6.46 14.27 -16.70
CA ASP A 323 7.79 14.11 -16.04
CA ASP A 323 7.74 14.24 -15.94
C ASP A 323 7.66 13.16 -14.87
N THR A 324 8.82 12.75 -14.35
CA THR A 324 8.90 11.94 -13.13
C THR A 324 8.90 12.87 -11.90
N THR A 325 8.43 12.36 -10.78
CA THR A 325 8.48 13.06 -9.47
C THR A 325 9.78 12.73 -8.72
N GLN A 326 10.47 11.63 -9.07
CA GLN A 326 11.74 11.19 -8.47
C GLN A 326 12.61 10.68 -9.61
N PRO A 327 13.95 10.70 -9.47
CA PRO A 327 14.83 10.15 -10.50
C PRO A 327 14.54 8.67 -10.73
N ASP A 328 14.74 8.22 -11.96
CA ASP A 328 14.72 6.80 -12.34
C ASP A 328 16.11 6.23 -12.08
N THR A 329 16.28 5.56 -10.95
CA THR A 329 17.59 5.00 -10.55
C THR A 329 17.73 3.54 -10.96
N SER A 330 16.80 3.05 -11.77
CA SER A 330 16.76 1.64 -12.23
C SER A 330 17.55 1.45 -13.51
N VAL A 331 17.95 0.20 -13.79
CA VAL A 331 18.66 -0.13 -15.05
C VAL A 331 18.36 -1.58 -15.40
N VAL A 332 18.52 -1.92 -16.68
CA VAL A 332 18.46 -3.31 -17.16
C VAL A 332 19.86 -3.70 -17.61
N PRO A 333 20.68 -4.38 -16.77
CA PRO A 333 22.02 -4.75 -17.20
C PRO A 333 22.02 -5.66 -18.43
N ALA A 334 23.03 -5.50 -19.30
CA ALA A 334 23.22 -6.37 -20.46
C ALA A 334 23.47 -7.81 -20.03
N ASN A 335 24.08 -8.04 -18.86
CA ASN A 335 24.37 -9.40 -18.35
C ASN A 335 23.52 -9.60 -17.08
N LEU A 336 22.54 -10.50 -17.11
CA LEU A 336 21.63 -10.64 -15.94
C LEU A 336 22.10 -11.77 -15.03
N ARG A 337 22.37 -12.95 -15.57
CA ARG A 337 22.90 -14.07 -14.77
C ARG A 337 23.51 -15.15 -15.68
N ASP A 338 24.30 -16.01 -15.08
CA ASP A 338 24.68 -17.31 -15.68
C ASP A 338 23.53 -18.28 -15.43
N VAL A 339 22.75 -18.60 -16.46
CA VAL A 339 21.59 -19.51 -16.31
C VAL A 339 22.08 -20.91 -15.98
N PRO A 340 21.52 -21.60 -14.96
CA PRO A 340 21.99 -22.94 -14.55
C PRO A 340 21.36 -24.04 -15.42
N PHE A 341 21.74 -24.06 -16.69
CA PHE A 341 21.26 -25.05 -17.66
C PHE A 341 21.61 -26.44 -17.15
N PRO A 342 20.77 -27.46 -17.46
CA PRO A 342 21.12 -28.84 -17.11
C PRO A 342 22.29 -29.32 -17.97
N SER A 343 22.91 -30.42 -17.54
CA SER A 343 23.90 -31.07 -18.45
CA SER A 343 23.85 -31.21 -18.38
C SER A 343 23.17 -31.46 -19.73
N PRO A 344 23.84 -31.32 -20.88
CA PRO A 344 23.29 -31.88 -22.11
C PRO A 344 23.22 -33.40 -21.97
N THR A 345 22.25 -34.02 -22.64
CA THR A 345 22.15 -35.50 -22.69
C THR A 345 22.24 -35.98 -24.13
N THR A 346 22.71 -37.22 -24.28
N THR A 346 22.94 -37.07 -24.36
CA THR A 346 22.66 -38.06 -25.53
CA THR A 346 23.07 -37.64 -25.72
C THR A 346 21.57 -39.14 -25.47
C THR A 346 21.96 -38.66 -25.95
N ASN A 347 20.83 -39.26 -24.37
N ASN A 347 21.15 -38.95 -24.92
CA ASN A 347 19.71 -40.24 -24.26
CA ASN A 347 20.19 -40.09 -24.90
C ASN A 347 18.68 -39.89 -25.36
C ASN A 347 18.97 -39.77 -25.76
N THR A 348 18.32 -40.83 -26.22
CA THR A 348 17.22 -40.67 -27.22
CA THR A 348 17.16 -40.79 -27.17
C THR A 348 15.99 -40.07 -26.51
N PRO A 349 15.37 -39.02 -27.10
CA PRO A 349 14.24 -38.39 -26.42
C PRO A 349 13.04 -39.34 -26.23
N ARG A 350 12.31 -39.19 -25.11
CA ARG A 350 11.01 -39.84 -24.92
C ARG A 350 10.02 -39.08 -25.77
N GLN A 351 9.03 -39.75 -26.34
N GLN A 351 9.02 -39.75 -26.36
CA GLN A 351 8.00 -39.07 -27.18
CA GLN A 351 8.01 -39.07 -27.24
C GLN A 351 6.68 -39.03 -26.44
C GLN A 351 6.65 -39.05 -26.55
N PHE A 352 6.03 -37.87 -26.47
CA PHE A 352 4.66 -37.66 -25.94
C PHE A 352 3.82 -36.94 -26.99
N ARG A 353 2.72 -37.59 -27.40
CA ARG A 353 1.79 -37.08 -28.43
CA ARG A 353 1.80 -37.07 -28.43
C ARG A 353 0.54 -36.54 -27.75
N PHE A 354 0.25 -35.26 -27.95
CA PHE A 354 -0.89 -34.52 -27.41
C PHE A 354 -1.95 -34.47 -28.52
N GLY A 355 -3.02 -35.21 -28.33
CA GLY A 355 -4.10 -35.24 -29.34
C GLY A 355 -5.41 -35.68 -28.70
N ARG A 356 -6.24 -36.39 -29.47
N ARG A 356 -6.34 -36.25 -29.48
CA ARG A 356 -7.56 -36.80 -28.93
CA ARG A 356 -7.68 -36.68 -28.98
C ARG A 356 -7.74 -38.32 -29.08
C ARG A 356 -7.88 -38.19 -29.16
N THR A 357 -8.55 -38.85 -28.20
CA THR A 357 -8.98 -40.26 -28.27
C THR A 357 -10.49 -40.16 -28.21
N GLY A 358 -11.15 -40.32 -29.35
CA GLY A 358 -12.55 -39.90 -29.45
C GLY A 358 -12.68 -38.43 -29.06
N PRO A 359 -13.58 -38.08 -28.12
CA PRO A 359 -13.77 -36.69 -27.73
C PRO A 359 -12.79 -36.24 -26.63
N THR A 360 -12.00 -37.15 -26.11
CA THR A 360 -11.15 -36.84 -24.93
C THR A 360 -9.75 -36.38 -25.36
N TRP A 361 -9.25 -35.28 -24.77
CA TRP A 361 -7.85 -34.83 -24.90
C TRP A 361 -6.93 -35.76 -24.11
N THR A 362 -5.93 -36.36 -24.79
CA THR A 362 -5.11 -37.46 -24.25
C THR A 362 -3.63 -37.23 -24.50
N ILE A 363 -2.80 -37.98 -23.79
CA ILE A 363 -1.32 -38.05 -23.93
C ILE A 363 -0.94 -39.48 -24.27
N ASN A 364 -0.38 -39.72 -25.46
CA ASN A 364 -0.09 -41.10 -25.92
C ASN A 364 -1.37 -41.95 -25.78
N GLY A 365 -2.54 -41.36 -26.02
CA GLY A 365 -3.81 -42.12 -26.01
C GLY A 365 -4.37 -42.39 -24.63
N VAL A 366 -3.79 -41.81 -23.57
CA VAL A 366 -4.21 -42.06 -22.16
C VAL A 366 -4.80 -40.81 -21.53
N ALA A 367 -5.85 -41.00 -20.72
CA ALA A 367 -6.54 -39.97 -19.92
C ALA A 367 -6.08 -40.07 -18.46
N PHE A 368 -5.91 -38.93 -17.78
CA PHE A 368 -5.40 -38.95 -16.39
C PHE A 368 -6.30 -39.84 -15.50
N ALA A 369 -7.60 -39.88 -15.73
CA ALA A 369 -8.52 -40.70 -14.87
C ALA A 369 -8.10 -42.17 -14.89
N ASP A 370 -7.42 -42.64 -15.93
CA ASP A 370 -7.07 -44.06 -16.13
C ASP A 370 -5.81 -44.41 -15.32
N VAL A 371 -6.09 -44.49 -14.02
N VAL A 371 -5.91 -44.74 -14.04
CA VAL A 371 -5.09 -44.77 -12.96
CA VAL A 371 -4.70 -45.06 -13.21
C VAL A 371 -4.11 -45.83 -13.49
C VAL A 371 -3.81 -46.13 -13.83
N GLN A 372 -4.60 -46.92 -14.10
N GLN A 372 -4.39 -47.25 -14.23
CA GLN A 372 -3.78 -48.09 -14.57
CA GLN A 372 -3.60 -48.38 -14.75
C GLN A 372 -2.66 -47.69 -15.57
C GLN A 372 -2.61 -47.87 -15.81
N ASN A 373 -2.97 -46.79 -16.51
CA ASN A 373 -2.15 -46.44 -17.71
C ASN A 373 -1.50 -45.04 -17.64
N ARG A 374 -1.80 -44.24 -16.63
CA ARG A 374 -1.40 -42.80 -16.68
C ARG A 374 0.07 -42.59 -16.25
N LEU A 375 0.73 -43.57 -15.63
CA LEU A 375 2.17 -43.41 -15.26
CA LEU A 375 2.17 -43.45 -15.26
C LEU A 375 3.00 -43.72 -16.51
N LEU A 376 3.41 -42.67 -17.25
CA LEU A 376 4.03 -42.85 -18.59
C LEU A 376 5.56 -42.88 -18.58
N ALA A 377 6.23 -42.55 -17.47
CA ALA A 377 7.69 -42.53 -17.44
C ALA A 377 8.18 -42.78 -16.02
N ASN A 378 9.17 -43.65 -15.90
CA ASN A 378 9.97 -43.83 -14.67
C ASN A 378 11.36 -43.27 -14.94
N VAL A 379 11.77 -42.27 -14.19
CA VAL A 379 13.02 -41.51 -14.41
C VAL A 379 13.84 -41.55 -13.12
N PRO A 380 15.00 -42.21 -13.06
CA PRO A 380 15.80 -42.18 -11.84
C PRO A 380 16.22 -40.75 -11.49
N VAL A 381 16.08 -40.41 -10.21
CA VAL A 381 16.49 -39.09 -9.71
C VAL A 381 17.94 -38.85 -10.09
N GLY A 382 18.22 -37.67 -10.64
CA GLY A 382 19.57 -37.25 -11.04
C GLY A 382 19.78 -37.37 -12.51
N THR A 383 18.93 -38.09 -13.24
CA THR A 383 18.98 -38.30 -14.72
CA THR A 383 19.18 -38.22 -14.69
C THR A 383 18.63 -36.99 -15.43
N VAL A 384 19.23 -36.74 -16.59
CA VAL A 384 18.75 -35.70 -17.52
C VAL A 384 18.05 -36.42 -18.66
N GLU A 385 16.85 -35.98 -19.02
CA GLU A 385 16.17 -36.54 -20.20
C GLU A 385 15.71 -35.40 -21.13
N ARG A 386 15.71 -35.70 -22.42
CA ARG A 386 14.99 -34.90 -23.41
C ARG A 386 13.62 -35.54 -23.60
N TRP A 387 12.58 -34.70 -23.60
CA TRP A 387 11.20 -35.11 -23.95
C TRP A 387 10.82 -34.40 -25.25
N GLU A 388 10.41 -35.18 -26.25
CA GLU A 388 9.85 -34.66 -27.53
CA GLU A 388 9.85 -34.66 -27.52
C GLU A 388 8.33 -34.55 -27.40
N LEU A 389 7.84 -33.32 -27.34
CA LEU A 389 6.43 -32.95 -27.07
C LEU A 389 5.76 -32.61 -28.40
N ILE A 390 4.80 -33.46 -28.85
CA ILE A 390 4.33 -33.48 -30.26
C ILE A 390 2.88 -33.05 -30.31
N ASN A 391 2.60 -31.97 -31.04
CA ASN A 391 1.23 -31.60 -31.41
C ASN A 391 1.11 -31.89 -32.92
N ALA A 392 0.63 -33.05 -33.32
CA ALA A 392 0.55 -33.40 -34.76
C ALA A 392 -0.58 -32.64 -35.44
N GLY A 393 -1.57 -32.18 -34.67
CA GLY A 393 -2.80 -31.56 -35.21
C GLY A 393 -2.68 -30.08 -35.53
N ASN A 394 -3.56 -29.63 -36.42
CA ASN A 394 -3.73 -28.22 -36.80
C ASN A 394 -4.92 -27.57 -36.10
N GLY A 395 -5.73 -28.36 -35.37
CA GLY A 395 -7.03 -27.90 -34.86
C GLY A 395 -7.02 -27.41 -33.42
N ALA A 396 -5.90 -27.48 -32.73
CA ALA A 396 -5.74 -27.03 -31.34
C ALA A 396 -4.27 -26.80 -31.03
N THR A 397 -4.00 -26.14 -29.90
CA THR A 397 -2.63 -25.94 -29.40
C THR A 397 -2.60 -26.28 -27.92
N HIS A 398 -1.38 -26.52 -27.42
CA HIS A 398 -1.20 -27.17 -26.09
C HIS A 398 0.05 -26.57 -25.44
N PRO A 399 -0.10 -25.72 -24.42
CA PRO A 399 1.03 -25.31 -23.57
C PRO A 399 1.31 -26.43 -22.55
N ILE A 400 2.42 -27.13 -22.74
CA ILE A 400 2.78 -28.31 -21.92
C ILE A 400 3.59 -27.90 -20.69
N HIS A 401 3.16 -28.41 -19.55
CA HIS A 401 3.79 -28.12 -18.24
C HIS A 401 4.28 -29.43 -17.62
N ILE A 402 5.52 -29.43 -17.14
CA ILE A 402 6.11 -30.58 -16.41
C ILE A 402 6.33 -30.10 -14.98
N HIS A 403 5.74 -30.77 -13.98
CA HIS A 403 5.99 -30.44 -12.57
C HIS A 403 7.42 -30.81 -12.19
N LEU A 404 7.84 -30.40 -10.99
CA LEU A 404 9.18 -30.62 -10.37
C LEU A 404 10.29 -29.83 -11.08
N VAL A 405 10.44 -29.97 -12.39
CA VAL A 405 11.66 -29.59 -13.13
C VAL A 405 11.59 -28.14 -13.63
N ASP A 406 12.79 -27.60 -13.93
CA ASP A 406 13.00 -26.49 -14.90
C ASP A 406 13.62 -27.16 -16.14
N PHE A 407 13.35 -26.63 -17.33
CA PHE A 407 13.90 -27.23 -18.56
C PHE A 407 14.39 -26.16 -19.51
N LYS A 408 15.31 -26.61 -20.36
CA LYS A 408 15.82 -25.86 -21.52
CA LYS A 408 15.78 -25.80 -21.51
C LYS A 408 15.00 -26.22 -22.76
N VAL A 409 14.57 -25.24 -23.53
CA VAL A 409 13.92 -25.51 -24.84
C VAL A 409 15.04 -25.75 -25.86
N ILE A 410 15.14 -26.97 -26.39
CA ILE A 410 16.23 -27.33 -27.35
C ILE A 410 15.82 -26.93 -28.76
N SER A 411 14.58 -27.21 -29.14
CA SER A 411 14.15 -27.09 -30.56
C SER A 411 12.66 -26.91 -30.66
N ARG A 412 12.23 -26.22 -31.71
CA ARG A 412 10.82 -26.21 -32.13
C ARG A 412 10.78 -26.42 -33.64
N THR A 413 9.96 -27.36 -34.09
CA THR A 413 9.60 -27.46 -35.51
C THR A 413 8.10 -27.13 -35.66
N SER A 414 7.73 -26.64 -36.84
CA SER A 414 6.34 -26.24 -37.14
C SER A 414 5.96 -26.89 -38.46
N GLY A 415 4.88 -27.68 -38.49
CA GLY A 415 4.34 -28.22 -39.76
C GLY A 415 3.75 -27.10 -40.62
N ASN A 416 3.60 -25.88 -40.12
CA ASN A 416 3.19 -24.70 -40.92
C ASN A 416 4.40 -23.79 -41.19
N ASN A 417 5.63 -24.24 -40.92
CA ASN A 417 6.86 -23.44 -41.15
C ASN A 417 6.72 -22.07 -40.46
N ALA A 418 6.06 -21.97 -39.29
CA ALA A 418 5.65 -20.65 -38.73
C ALA A 418 6.79 -20.00 -37.91
N ARG A 419 7.52 -20.78 -37.13
CA ARG A 419 8.51 -20.26 -36.15
C ARG A 419 9.38 -21.40 -35.63
N THR A 420 10.48 -21.03 -34.97
CA THR A 420 11.34 -21.98 -34.24
C THR A 420 11.40 -21.53 -32.78
N VAL A 421 12.55 -21.61 -32.13
CA VAL A 421 12.66 -21.20 -30.69
C VAL A 421 12.72 -19.67 -30.62
N MET A 422 11.98 -19.05 -29.70
CA MET A 422 11.91 -17.59 -29.55
C MET A 422 13.07 -17.12 -28.67
N PRO A 423 13.55 -15.88 -28.86
CA PRO A 423 14.68 -15.39 -28.06
C PRO A 423 14.43 -15.43 -26.54
N TYR A 424 13.17 -15.21 -26.14
CA TYR A 424 12.78 -15.21 -24.71
C TYR A 424 12.56 -16.63 -24.21
N GLU A 425 12.78 -17.66 -25.03
CA GLU A 425 12.79 -19.08 -24.61
C GLU A 425 14.25 -19.56 -24.45
N SER A 426 15.24 -18.67 -24.39
CA SER A 426 16.69 -18.98 -24.33
C SER A 426 17.14 -19.51 -22.97
N GLY A 427 16.34 -19.29 -21.93
CA GLY A 427 16.72 -19.56 -20.53
C GLY A 427 16.11 -20.85 -20.03
N LEU A 428 15.50 -20.78 -18.86
CA LEU A 428 14.84 -21.97 -18.26
C LEU A 428 13.35 -21.69 -18.10
N LYS A 429 12.57 -22.71 -18.44
CA LYS A 429 11.09 -22.63 -18.46
C LYS A 429 10.50 -23.86 -17.75
N ASP A 430 9.21 -23.82 -17.46
CA ASP A 430 8.47 -25.01 -17.00
C ASP A 430 7.16 -25.21 -17.77
N VAL A 431 6.81 -24.30 -18.68
CA VAL A 431 5.72 -24.49 -19.67
C VAL A 431 6.29 -24.18 -21.05
N VAL A 432 5.86 -24.89 -22.10
CA VAL A 432 6.28 -24.52 -23.48
C VAL A 432 5.07 -24.70 -24.40
N TRP A 433 4.85 -23.71 -25.27
CA TRP A 433 3.63 -23.68 -26.13
C TRP A 433 3.84 -24.49 -27.40
N LEU A 434 3.07 -25.58 -27.56
CA LEU A 434 2.97 -26.33 -28.84
C LEU A 434 1.87 -25.67 -29.66
N GLY A 435 2.26 -24.72 -30.53
CA GLY A 435 1.33 -24.12 -31.50
C GLY A 435 0.89 -25.14 -32.54
N ARG A 436 0.14 -24.67 -33.53
CA ARG A 436 -0.40 -25.57 -34.56
C ARG A 436 0.72 -26.38 -35.17
N ARG A 437 0.56 -27.71 -35.20
CA ARG A 437 1.52 -28.63 -35.84
C ARG A 437 2.96 -28.44 -35.33
N GLU A 438 3.13 -28.10 -34.05
CA GLU A 438 4.48 -27.87 -33.47
C GLU A 438 4.97 -29.06 -32.65
N THR A 439 6.27 -29.36 -32.80
CA THR A 439 6.97 -30.32 -31.92
C THR A 439 8.11 -29.59 -31.22
N VAL A 440 8.21 -29.72 -29.90
CA VAL A 440 9.26 -29.05 -29.09
C VAL A 440 10.00 -30.14 -28.33
N VAL A 441 11.32 -30.05 -28.36
CA VAL A 441 12.18 -30.90 -27.50
C VAL A 441 12.65 -30.04 -26.32
N VAL A 442 12.41 -30.54 -25.11
CA VAL A 442 12.90 -29.91 -23.87
C VAL A 442 13.93 -30.84 -23.22
N GLU A 443 14.82 -30.27 -22.42
CA GLU A 443 15.88 -31.02 -21.72
C GLU A 443 15.84 -30.62 -20.24
N ALA A 444 15.68 -31.60 -19.34
CA ALA A 444 15.48 -31.32 -17.91
C ALA A 444 16.28 -32.31 -17.07
N HIS A 445 16.79 -31.79 -15.96
CA HIS A 445 17.38 -32.57 -14.86
C HIS A 445 16.25 -32.97 -13.89
N TYR A 446 15.97 -34.28 -13.80
CA TYR A 446 14.89 -34.82 -12.97
C TYR A 446 15.44 -34.93 -11.55
N ALA A 447 15.42 -33.81 -10.82
CA ALA A 447 16.17 -33.69 -9.56
C ALA A 447 15.57 -32.54 -8.78
N PRO A 448 15.78 -32.43 -7.45
CA PRO A 448 16.57 -33.39 -6.65
C PRO A 448 15.76 -34.36 -5.80
N PHE A 449 14.44 -34.37 -5.95
CA PHE A 449 13.54 -35.10 -5.04
C PHE A 449 12.82 -36.23 -5.76
N PRO A 450 12.75 -37.44 -5.17
CA PRO A 450 11.94 -38.52 -5.73
C PRO A 450 10.45 -38.30 -5.43
N GLY A 451 9.61 -38.76 -6.35
CA GLY A 451 8.16 -38.76 -6.16
C GLY A 451 7.40 -38.87 -7.46
N VAL A 452 6.10 -39.07 -7.32
CA VAL A 452 5.14 -39.09 -8.43
C VAL A 452 4.63 -37.66 -8.64
N TYR A 453 4.76 -37.19 -9.87
CA TYR A 453 4.45 -35.81 -10.29
C TYR A 453 3.64 -35.81 -11.59
N MET A 454 2.86 -34.76 -11.77
CA MET A 454 2.01 -34.59 -12.98
C MET A 454 2.80 -33.91 -14.11
N PHE A 455 2.34 -34.15 -15.34
CA PHE A 455 2.67 -33.30 -16.53
C PHE A 455 1.42 -33.29 -17.40
N HIS A 456 1.19 -32.21 -18.13
CA HIS A 456 -0.13 -31.99 -18.76
C HIS A 456 -0.09 -30.79 -19.68
N CYS A 457 -1.07 -30.74 -20.57
CA CYS A 457 -1.48 -29.47 -21.19
C CYS A 457 -2.06 -28.54 -20.10
N HIS A 458 -1.74 -27.24 -20.14
CA HIS A 458 -2.25 -26.25 -19.20
C HIS A 458 -3.39 -25.40 -19.76
N ASN A 459 -3.95 -25.73 -20.95
CA ASN A 459 -5.31 -25.30 -21.31
C ASN A 459 -6.27 -26.05 -20.35
N LEU A 460 -6.92 -25.33 -19.46
CA LEU A 460 -7.55 -25.99 -18.29
C LEU A 460 -8.73 -26.87 -18.79
N ILE A 461 -9.34 -26.52 -19.93
CA ILE A 461 -10.41 -27.39 -20.51
C ILE A 461 -9.80 -28.70 -20.99
N HIS A 462 -8.68 -28.66 -21.72
CA HIS A 462 -7.98 -29.88 -22.17
C HIS A 462 -7.57 -30.72 -20.94
N GLU A 463 -6.96 -30.06 -19.96
CA GLU A 463 -6.46 -30.68 -18.71
C GLU A 463 -7.57 -31.47 -18.03
N ASP A 464 -8.74 -30.87 -17.86
CA ASP A 464 -9.87 -31.49 -17.12
C ASP A 464 -10.44 -32.65 -17.94
N HIS A 465 -10.26 -32.67 -19.26
CA HIS A 465 -10.96 -33.67 -20.12
C HIS A 465 -10.07 -34.21 -21.24
N ASP A 466 -8.94 -34.87 -20.96
CA ASP A 466 -8.37 -35.23 -19.65
C ASP A 466 -6.86 -35.36 -19.86
N MET A 467 -6.24 -34.29 -20.36
CA MET A 467 -4.93 -34.34 -21.04
C MET A 467 -3.82 -34.14 -20.01
N MET A 468 -3.67 -35.13 -19.16
CA MET A 468 -2.69 -35.09 -18.05
CA MET A 468 -2.75 -35.09 -17.98
C MET A 468 -2.24 -36.52 -17.75
N ALA A 469 -0.98 -36.66 -17.33
CA ALA A 469 -0.37 -37.95 -17.02
C ALA A 469 0.60 -37.76 -15.86
N ALA A 470 1.33 -38.81 -15.55
CA ALA A 470 2.28 -38.75 -14.42
C ALA A 470 3.61 -39.34 -14.79
N PHE A 471 4.67 -38.89 -14.10
CA PHE A 471 5.98 -39.56 -14.11
C PHE A 471 6.37 -39.84 -12.65
N ASN A 472 7.24 -40.84 -12.49
CA ASN A 472 7.79 -41.23 -11.16
C ASN A 472 9.29 -40.93 -11.22
N ALA A 473 9.77 -39.98 -10.42
CA ALA A 473 11.22 -39.73 -10.27
C ALA A 473 11.69 -40.68 -9.18
N THR A 474 12.40 -41.75 -9.55
CA THR A 474 12.56 -42.96 -8.70
C THR A 474 13.93 -42.97 -8.01
N VAL A 475 13.95 -43.64 -6.86
CA VAL A 475 15.20 -43.92 -6.12
C VAL A 475 15.24 -45.42 -5.73
N LEU A 476 16.45 -45.89 -5.48
CA LEU A 476 16.67 -47.26 -4.91
C LEU A 476 16.38 -47.28 -3.43
N PRO A 477 16.11 -48.47 -2.84
CA PRO A 477 15.75 -48.58 -1.42
C PRO A 477 16.82 -48.07 -0.44
N ASP A 478 18.06 -47.94 -0.85
CA ASP A 478 19.12 -47.46 0.07
C ASP A 478 19.28 -45.91 0.01
N TYR A 479 18.56 -45.26 -0.91
N TYR A 479 18.33 -45.16 -0.59
CA TYR A 479 18.42 -43.79 -0.88
CA TYR A 479 18.51 -43.70 -0.85
C TYR A 479 17.73 -43.46 0.45
C TYR A 479 18.52 -42.84 0.43
N GLY A 480 18.21 -42.41 1.09
N GLY A 480 17.60 -43.08 1.37
CA GLY A 480 17.76 -42.05 2.45
CA GLY A 480 17.47 -42.26 2.59
C GLY A 480 16.64 -41.01 2.42
C GLY A 480 16.63 -40.99 2.37
N TYR A 481 16.92 -39.91 3.11
CA TYR A 481 16.11 -38.66 3.08
C TYR A 481 14.63 -38.95 3.34
N ASN A 482 14.28 -39.94 4.15
CA ASN A 482 12.86 -40.20 4.49
C ASN A 482 12.05 -40.37 3.19
N ALA A 483 12.65 -40.91 2.12
CA ALA A 483 11.93 -40.99 0.83
C ALA A 483 10.63 -41.78 0.99
N THR A 484 10.59 -42.80 1.86
CA THR A 484 9.39 -43.66 1.94
CA THR A 484 9.40 -43.66 2.01
C THR A 484 8.15 -42.84 2.36
N VAL A 485 8.28 -41.70 3.06
CA VAL A 485 7.09 -40.87 3.40
C VAL A 485 6.93 -39.66 2.46
N PHE A 486 7.77 -39.48 1.44
CA PHE A 486 7.70 -38.30 0.56
C PHE A 486 7.46 -38.65 -0.91
N VAL A 487 7.47 -39.92 -1.32
CA VAL A 487 7.32 -40.25 -2.79
C VAL A 487 5.83 -40.29 -3.18
N ASP A 488 4.93 -40.59 -2.23
CA ASP A 488 3.50 -40.87 -2.53
C ASP A 488 2.68 -39.63 -2.28
N PRO A 489 2.06 -38.99 -3.32
CA PRO A 489 1.33 -37.75 -3.08
C PRO A 489 0.15 -37.94 -2.11
N MET A 490 -0.37 -39.18 -2.00
CA MET A 490 -1.56 -39.48 -1.14
C MET A 490 -1.15 -40.00 0.25
N GLU A 491 0.14 -39.91 0.59
N GLU A 491 0.12 -39.82 0.61
CA GLU A 491 0.66 -40.37 1.90
CA GLU A 491 0.69 -40.20 1.94
C GLU A 491 -0.20 -39.80 3.03
C GLU A 491 -0.25 -39.75 3.06
N GLU A 492 -0.67 -40.70 3.92
CA GLU A 492 -1.66 -40.37 4.96
C GLU A 492 -1.15 -39.29 5.89
N LEU A 493 0.15 -39.28 6.20
CA LEU A 493 0.69 -38.24 7.11
C LEU A 493 0.33 -36.81 6.67
N TRP A 494 0.27 -36.56 5.35
CA TRP A 494 0.16 -35.17 4.84
C TRP A 494 -1.25 -34.86 4.33
N GLN A 495 -2.23 -35.75 4.56
CA GLN A 495 -3.61 -35.52 4.06
C GLN A 495 -4.27 -34.34 4.78
N ALA A 496 -5.30 -33.79 4.13
CA ALA A 496 -6.20 -32.76 4.68
C ALA A 496 -6.89 -33.30 5.96
N ARG A 497 -7.27 -32.38 6.81
CA ARG A 497 -7.88 -32.65 8.14
C ARG A 497 -9.11 -31.79 8.29
N PRO A 498 -10.17 -32.29 8.99
CA PRO A 498 -11.36 -31.47 9.22
CA PRO A 498 -11.36 -31.47 9.23
C PRO A 498 -11.13 -30.35 10.24
N TYR A 499 -11.93 -29.29 10.16
CA TYR A 499 -11.89 -28.16 11.10
C TYR A 499 -13.33 -27.71 11.36
N GLU A 500 -13.51 -27.06 12.50
CA GLU A 500 -14.72 -26.30 12.87
C GLU A 500 -14.46 -24.81 12.63
N LEU A 501 -15.39 -24.10 11.99
CA LEU A 501 -15.18 -22.69 11.60
C LEU A 501 -15.00 -21.83 12.86
N GLY A 502 -15.71 -22.15 13.96
CA GLY A 502 -15.56 -21.39 15.22
C GLY A 502 -14.12 -21.36 15.71
N GLU A 503 -13.40 -22.49 15.61
CA GLU A 503 -11.99 -22.61 16.07
C GLU A 503 -11.08 -21.80 15.15
N PHE A 504 -11.36 -21.81 13.86
CA PHE A 504 -10.61 -20.97 12.91
C PHE A 504 -10.80 -19.49 13.29
N GLN A 505 -12.05 -19.10 13.50
CA GLN A 505 -12.39 -17.67 13.76
C GLN A 505 -11.83 -17.20 15.10
N ALA A 506 -11.80 -18.07 16.12
CA ALA A 506 -11.30 -17.75 17.49
C ALA A 506 -9.79 -18.00 17.60
N GLN A 507 -9.19 -18.62 16.58
CA GLN A 507 -7.76 -19.01 16.57
C GLN A 507 -7.49 -19.87 17.83
N SER A 508 -8.34 -20.87 18.02
CA SER A 508 -8.35 -21.79 19.19
C SER A 508 -8.20 -23.23 18.71
N GLY A 509 -8.11 -24.19 19.63
CA GLY A 509 -8.06 -25.61 19.25
C GLY A 509 -6.88 -25.88 18.32
N GLN A 510 -7.10 -26.54 17.20
CA GLN A 510 -5.97 -26.84 16.29
C GLN A 510 -5.47 -25.57 15.57
N PHE A 511 -6.08 -24.39 15.77
CA PHE A 511 -5.54 -23.10 15.29
C PHE A 511 -4.85 -22.31 16.41
N SER A 512 -4.73 -22.87 17.62
CA SER A 512 -3.97 -22.19 18.70
C SER A 512 -2.50 -22.07 18.31
N VAL A 513 -1.82 -21.10 18.88
CA VAL A 513 -0.35 -21.00 18.68
C VAL A 513 0.32 -22.30 19.06
N GLN A 514 -0.01 -22.87 20.21
CA GLN A 514 0.63 -24.13 20.66
C GLN A 514 0.36 -25.25 19.65
N ALA A 515 -0.87 -25.38 19.12
CA ALA A 515 -1.22 -26.53 18.24
C ALA A 515 -0.49 -26.37 16.92
N VAL A 516 -0.47 -25.15 16.39
CA VAL A 516 0.21 -24.89 15.08
C VAL A 516 1.72 -25.15 15.26
N THR A 517 2.30 -24.68 16.35
CA THR A 517 3.75 -24.85 16.61
C THR A 517 4.09 -26.35 16.65
N GLU A 518 3.33 -27.16 17.40
CA GLU A 518 3.61 -28.60 17.52
CA GLU A 518 3.60 -28.62 17.52
C GLU A 518 3.48 -29.27 16.14
N ARG A 519 2.46 -28.91 15.37
CA ARG A 519 2.20 -29.53 14.04
CA ARG A 519 2.23 -29.57 14.05
C ARG A 519 3.38 -29.21 13.12
N ILE A 520 3.78 -27.95 13.04
CA ILE A 520 4.85 -27.55 12.08
CA ILE A 520 4.84 -27.55 12.06
C ILE A 520 6.19 -28.13 12.53
N GLN A 521 6.48 -28.12 13.84
CA GLN A 521 7.74 -28.71 14.32
C GLN A 521 7.76 -30.22 14.00
N THR A 522 6.68 -30.95 14.20
CA THR A 522 6.58 -32.38 13.83
C THR A 522 6.83 -32.54 12.32
N MET A 523 6.21 -31.73 11.47
CA MET A 523 6.40 -31.85 10.02
C MET A 523 7.90 -31.62 9.69
N ALA A 524 8.52 -30.62 10.33
CA ALA A 524 9.91 -30.20 10.03
C ALA A 524 10.87 -31.33 10.40
N GLU A 525 10.57 -32.14 11.43
CA GLU A 525 11.50 -33.21 11.84
C GLU A 525 11.69 -34.25 10.73
N TYR A 526 10.76 -34.39 9.78
CA TYR A 526 10.92 -35.35 8.66
C TYR A 526 11.91 -34.83 7.61
N ARG A 527 12.25 -33.55 7.63
CA ARG A 527 13.31 -32.95 6.76
CA ARG A 527 13.30 -32.92 6.76
C ARG A 527 12.98 -33.12 5.27
N PRO A 528 11.84 -32.58 4.81
CA PRO A 528 11.40 -32.80 3.43
C PRO A 528 12.35 -32.30 2.32
N TYR A 529 13.14 -31.26 2.60
CA TYR A 529 13.88 -30.57 1.51
C TYR A 529 15.41 -30.71 1.67
N ALA A 530 15.86 -31.56 2.58
CA ALA A 530 17.30 -31.71 2.90
C ALA A 530 18.14 -32.09 1.69
N ALA A 531 17.62 -32.83 0.71
CA ALA A 531 18.43 -33.28 -0.44
C ALA A 531 18.76 -32.08 -1.36
N ALA A 532 18.15 -30.91 -1.16
CA ALA A 532 18.46 -29.72 -1.96
C ALA A 532 19.47 -28.81 -1.24
N ASP A 533 19.97 -29.18 -0.06
CA ASP A 533 20.91 -28.32 0.71
C ASP A 533 22.24 -28.18 -0.03
N GLU A 534 22.86 -27.01 0.13
CA GLU A 534 24.06 -26.53 -0.62
C GLU A 534 25.14 -26.05 0.36
N VAL B 1 -17.08 11.81 34.54
CA VAL B 1 -18.59 11.99 34.61
C VAL B 1 -19.23 11.14 33.50
N ALA B 2 -20.55 10.91 33.58
CA ALA B 2 -21.22 9.94 32.69
C ALA B 2 -20.99 10.31 31.23
N GLN B 3 -20.72 9.31 30.40
CA GLN B 3 -20.71 9.48 28.94
C GLN B 3 -22.10 9.93 28.49
N ILE B 4 -22.17 10.87 27.55
CA ILE B 4 -23.44 11.40 26.96
C ILE B 4 -23.70 10.69 25.63
N SER B 5 -22.66 10.53 24.81
CA SER B 5 -22.74 9.80 23.52
C SER B 5 -23.20 8.36 23.78
N PRO B 6 -23.86 7.71 22.80
CA PRO B 6 -24.22 6.30 22.95
C PRO B 6 -23.02 5.40 23.20
N GLN B 7 -23.29 4.26 23.82
CA GLN B 7 -22.28 3.22 24.09
C GLN B 7 -21.72 2.72 22.76
N TYR B 8 -20.39 2.63 22.65
CA TYR B 8 -19.66 2.31 21.41
C TYR B 8 -19.00 0.93 21.61
N PRO B 9 -18.93 0.08 20.55
CA PRO B 9 -18.21 -1.20 20.64
C PRO B 9 -16.67 -1.04 20.67
N MET B 10 -16.13 -0.80 21.85
CA MET B 10 -14.73 -0.34 22.05
C MET B 10 -13.74 -1.33 21.42
N PHE B 11 -12.74 -0.80 20.68
CA PHE B 11 -11.56 -1.59 20.23
C PHE B 11 -11.97 -2.75 19.29
N THR B 12 -12.96 -2.55 18.42
CA THR B 12 -13.48 -3.57 17.47
C THR B 12 -13.11 -3.23 16.05
N VAL B 13 -12.77 -1.99 15.74
CA VAL B 13 -12.52 -1.52 14.36
C VAL B 13 -11.03 -1.23 14.22
N PRO B 14 -10.38 -1.73 13.15
CA PRO B 14 -8.95 -1.46 12.93
C PRO B 14 -8.70 0.03 12.66
N LEU B 15 -7.54 0.51 13.14
CA LEU B 15 -7.08 1.89 12.92
C LEU B 15 -7.01 2.15 11.42
N PRO B 16 -7.75 3.14 10.88
CA PRO B 16 -7.61 3.51 9.49
C PRO B 16 -6.35 4.36 9.29
N ILE B 17 -5.77 4.22 8.11
CA ILE B 17 -4.59 5.00 7.67
C ILE B 17 -5.04 5.89 6.51
N PRO B 18 -4.99 7.24 6.64
CA PRO B 18 -5.36 8.07 5.49
C PRO B 18 -4.49 7.74 4.31
N PRO B 19 -5.07 7.68 3.09
CA PRO B 19 -4.27 7.41 1.89
C PRO B 19 -3.35 8.59 1.57
N VAL B 20 -2.28 8.29 0.84
CA VAL B 20 -1.33 9.34 0.41
C VAL B 20 -1.95 10.08 -0.76
N LYS B 21 -2.00 11.40 -0.69
CA LYS B 21 -2.49 12.24 -1.80
C LYS B 21 -1.43 12.29 -2.91
N GLN B 22 -1.83 11.98 -4.15
CA GLN B 22 -0.94 12.03 -5.33
C GLN B 22 -1.15 13.34 -6.05
N PRO B 23 -0.08 13.98 -6.56
CA PRO B 23 -0.26 15.15 -7.39
C PRO B 23 -0.91 14.77 -8.74
N ARG B 24 -1.60 15.73 -9.34
CA ARG B 24 -2.27 15.55 -10.64
C ARG B 24 -1.24 15.72 -11.76
N LEU B 25 -0.36 16.71 -11.62
CA LEU B 25 0.52 17.31 -12.69
CA LEU B 25 0.73 16.89 -12.62
C LEU B 25 1.82 17.77 -12.02
N THR B 26 2.89 17.96 -12.81
CA THR B 26 4.05 18.75 -12.41
C THR B 26 4.17 19.87 -13.42
N VAL B 27 4.50 21.06 -12.94
CA VAL B 27 4.67 22.27 -13.80
C VAL B 27 6.11 22.73 -13.68
N THR B 28 6.79 22.95 -14.81
CA THR B 28 8.19 23.43 -14.83
C THR B 28 8.19 24.90 -14.39
N ASN B 29 8.97 25.24 -13.38
CA ASN B 29 9.19 26.64 -12.95
C ASN B 29 10.09 27.30 -13.99
N PRO B 30 9.64 28.35 -14.71
CA PRO B 30 10.53 28.99 -15.69
C PRO B 30 11.75 29.68 -15.07
N VAL B 31 11.74 29.97 -13.77
CA VAL B 31 12.86 30.68 -13.08
C VAL B 31 14.09 29.76 -12.97
N ASN B 32 13.91 28.47 -12.63
CA ASN B 32 15.04 27.57 -12.26
C ASN B 32 14.96 26.19 -12.95
N GLY B 33 13.98 25.96 -13.81
CA GLY B 33 13.75 24.70 -14.52
C GLY B 33 13.34 23.53 -13.61
N GLN B 34 12.80 23.80 -12.41
CA GLN B 34 12.50 22.72 -11.44
C GLN B 34 11.00 22.47 -11.42
N GLU B 35 10.63 21.20 -11.22
CA GLU B 35 9.19 20.85 -11.19
C GLU B 35 8.52 21.31 -9.90
N ILE B 36 7.35 21.94 -10.06
CA ILE B 36 6.36 22.22 -8.99
C ILE B 36 5.29 21.15 -9.04
N TRP B 37 5.01 20.47 -7.95
CA TRP B 37 3.95 19.43 -7.92
C TRP B 37 2.60 20.14 -7.71
N TYR B 38 1.64 19.86 -8.56
CA TYR B 38 0.30 20.47 -8.51
C TYR B 38 -0.74 19.44 -8.08
N TYR B 39 -1.56 19.81 -7.09
CA TYR B 39 -2.59 18.93 -6.53
C TYR B 39 -3.94 19.66 -6.55
N GLU B 40 -5.01 18.87 -6.57
N GLU B 40 -5.04 18.91 -6.64
CA GLU B 40 -6.44 19.33 -6.49
CA GLU B 40 -6.43 19.44 -6.49
C GLU B 40 -7.11 18.64 -5.30
C GLU B 40 -7.12 18.68 -5.35
N VAL B 41 -7.74 19.44 -4.43
CA VAL B 41 -8.47 18.89 -3.27
C VAL B 41 -9.87 19.48 -3.29
N GLU B 42 -10.87 18.60 -3.23
CA GLU B 42 -12.29 19.05 -3.32
C GLU B 42 -12.91 18.96 -1.92
N ILE B 43 -13.25 20.10 -1.35
CA ILE B 43 -13.95 20.16 -0.04
C ILE B 43 -15.44 19.87 -0.32
N LYS B 44 -15.95 18.79 0.24
CA LYS B 44 -17.37 18.45 -0.01
C LYS B 44 -17.98 17.64 1.14
N PRO B 45 -19.33 17.72 1.26
CA PRO B 45 -20.04 16.94 2.28
C PRO B 45 -20.04 15.43 1.95
N PHE B 46 -20.13 14.63 2.99
CA PHE B 46 -20.23 13.15 2.90
C PHE B 46 -20.82 12.66 4.23
N THR B 47 -21.24 11.42 4.27
CA THR B 47 -21.72 10.77 5.51
C THR B 47 -20.81 9.59 5.82
N HIS B 48 -20.69 9.26 7.09
CA HIS B 48 -19.95 8.07 7.53
C HIS B 48 -20.74 7.40 8.65
N GLN B 49 -20.79 6.09 8.59
CA GLN B 49 -21.45 5.24 9.59
C GLN B 49 -20.46 4.99 10.73
N VAL B 50 -20.44 5.87 11.73
CA VAL B 50 -19.48 5.78 12.86
C VAL B 50 -19.98 4.71 13.83
N TYR B 51 -21.27 4.72 14.17
CA TYR B 51 -21.86 3.71 15.07
C TYR B 51 -22.52 2.63 14.21
N PRO B 52 -22.10 1.35 14.28
CA PRO B 52 -22.63 0.31 13.39
C PRO B 52 -24.15 0.14 13.45
N ASP B 53 -24.75 0.30 14.63
CA ASP B 53 -26.19 -0.02 14.82
C ASP B 53 -27.06 1.24 14.76
N LEU B 54 -26.53 2.44 14.47
CA LEU B 54 -27.36 3.66 14.49
C LEU B 54 -27.38 4.27 13.09
N GLY B 55 -27.80 5.52 12.95
CA GLY B 55 -27.68 6.32 11.72
C GLY B 55 -26.24 6.75 11.48
N SER B 56 -26.05 7.56 10.44
CA SER B 56 -24.71 8.04 10.00
CA SER B 56 -24.72 8.05 9.98
C SER B 56 -24.45 9.46 10.51
N ALA B 57 -23.18 9.89 10.48
CA ALA B 57 -22.83 11.27 10.82
C ALA B 57 -22.60 12.08 9.56
N ASP B 58 -22.96 13.36 9.60
CA ASP B 58 -22.76 14.33 8.50
C ASP B 58 -21.40 15.00 8.66
N LEU B 59 -20.54 14.87 7.67
CA LEU B 59 -19.17 15.47 7.70
CA LEU B 59 -19.17 15.45 7.68
C LEU B 59 -18.96 16.32 6.45
N VAL B 60 -17.93 17.16 6.46
CA VAL B 60 -17.44 17.94 5.30
C VAL B 60 -15.92 17.81 5.34
N GLY B 61 -15.32 17.26 4.28
CA GLY B 61 -13.89 16.92 4.32
C GLY B 61 -13.16 17.25 3.04
N TYR B 62 -11.83 17.39 3.18
CA TYR B 62 -10.92 17.40 2.03
C TYR B 62 -11.04 16.04 1.29
N ASP B 63 -11.34 16.13 -0.01
CA ASP B 63 -11.58 14.96 -0.90
C ASP B 63 -12.70 14.09 -0.32
N GLY B 64 -13.65 14.67 0.39
CA GLY B 64 -14.80 13.90 0.93
C GLY B 64 -14.41 12.82 1.89
N MET B 65 -13.36 13.04 2.71
CA MET B 65 -12.95 12.02 3.70
CA MET B 65 -12.92 12.03 3.69
C MET B 65 -12.41 12.76 4.95
N SER B 66 -12.40 12.09 6.08
CA SER B 66 -11.86 12.65 7.33
C SER B 66 -11.11 11.55 8.07
N PRO B 67 -9.82 11.73 8.43
CA PRO B 67 -9.01 12.91 8.07
C PRO B 67 -8.85 13.09 6.56
N GLY B 68 -8.38 14.27 6.14
CA GLY B 68 -7.97 14.48 4.75
C GLY B 68 -6.85 13.53 4.35
N PRO B 69 -6.59 13.37 3.05
CA PRO B 69 -5.50 12.50 2.64
C PRO B 69 -4.15 13.10 3.11
N THR B 70 -3.18 12.23 3.27
CA THR B 70 -1.82 12.59 3.78
C THR B 70 -0.95 13.05 2.61
N PHE B 71 -0.38 14.24 2.69
CA PHE B 71 0.65 14.69 1.75
C PHE B 71 2.01 14.14 2.21
N GLN B 72 2.87 13.84 1.23
CA GLN B 72 4.26 13.39 1.48
C GLN B 72 5.15 14.11 0.49
N VAL B 73 5.90 15.12 0.96
CA VAL B 73 6.60 16.07 0.07
C VAL B 73 8.07 16.14 0.47
N PRO B 74 9.02 15.98 -0.47
CA PRO B 74 10.43 16.11 -0.15
C PRO B 74 10.84 17.57 -0.03
N ARG B 75 11.72 17.83 0.92
CA ARG B 75 12.34 19.19 1.06
CA ARG B 75 12.31 19.17 1.05
C ARG B 75 12.92 19.63 -0.29
N GLY B 76 12.67 20.88 -0.65
CA GLY B 76 13.22 21.49 -1.87
C GLY B 76 12.24 21.46 -3.04
N VAL B 77 11.11 20.76 -2.91
CA VAL B 77 10.13 20.69 -4.03
C VAL B 77 8.97 21.63 -3.68
N GLU B 78 8.74 22.66 -4.48
CA GLU B 78 7.57 23.55 -4.23
C GLU B 78 6.29 22.82 -4.61
N THR B 79 5.19 23.13 -3.93
CA THR B 79 3.89 22.53 -4.28
C THR B 79 2.86 23.64 -4.44
N VAL B 80 1.88 23.37 -5.30
CA VAL B 80 0.66 24.22 -5.39
C VAL B 80 -0.51 23.29 -5.16
N VAL B 81 -1.39 23.64 -4.22
CA VAL B 81 -2.61 22.86 -3.95
C VAL B 81 -3.79 23.77 -4.28
N ARG B 82 -4.63 23.28 -5.20
CA ARG B 82 -5.89 24.00 -5.55
C ARG B 82 -6.96 23.44 -4.62
N PHE B 83 -7.38 24.24 -3.63
CA PHE B 83 -8.44 23.85 -2.68
C PHE B 83 -9.75 24.42 -3.20
N ILE B 84 -10.59 23.49 -3.63
CA ILE B 84 -11.89 23.74 -4.35
C ILE B 84 -13.05 23.60 -3.35
N ASN B 85 -13.81 24.66 -3.12
CA ASN B 85 -14.96 24.62 -2.18
C ASN B 85 -16.20 24.17 -2.96
N ASN B 86 -16.64 22.97 -2.69
CA ASN B 86 -17.93 22.40 -3.17
C ASN B 86 -18.77 22.01 -1.95
N ALA B 87 -18.83 22.90 -0.98
CA ALA B 87 -19.54 22.66 0.29
C ALA B 87 -20.59 23.76 0.52
N GLU B 88 -20.94 23.99 1.77
CA GLU B 88 -22.10 24.78 2.29
CA GLU B 88 -22.08 24.89 2.09
C GLU B 88 -21.62 26.06 2.95
N ALA B 89 -20.35 26.10 3.43
CA ALA B 89 -19.82 27.29 4.14
C ALA B 89 -18.41 27.62 3.65
N PRO B 90 -17.91 28.85 3.87
CA PRO B 90 -16.57 29.23 3.43
C PRO B 90 -15.48 28.38 4.10
N ASN B 91 -14.31 28.40 3.48
CA ASN B 91 -13.11 27.76 4.05
C ASN B 91 -11.94 28.72 3.93
N SER B 92 -10.91 28.50 4.76
CA SER B 92 -9.57 29.13 4.59
C SER B 92 -8.52 28.10 5.02
N VAL B 93 -7.63 27.67 4.12
CA VAL B 93 -6.72 26.55 4.45
C VAL B 93 -5.41 27.07 5.03
N HIS B 94 -5.03 26.55 6.20
CA HIS B 94 -3.75 26.84 6.86
C HIS B 94 -2.88 25.57 6.86
N LEU B 95 -1.69 25.64 6.24
CA LEU B 95 -0.67 24.57 6.38
C LEU B 95 0.15 24.91 7.64
N HIS B 96 -0.22 24.26 8.74
CA HIS B 96 0.36 24.52 10.09
C HIS B 96 1.76 23.91 10.17
N GLY B 97 2.75 24.76 10.39
CA GLY B 97 4.17 24.37 10.46
C GLY B 97 4.96 24.79 9.23
N SER B 98 4.35 25.54 8.30
CA SER B 98 4.97 26.05 7.05
C SER B 98 5.17 27.57 7.11
N PHE B 99 6.35 28.05 6.74
CA PHE B 99 6.63 29.50 6.64
C PHE B 99 6.11 30.06 5.30
N SER B 100 4.84 29.78 5.03
CA SER B 100 4.13 30.21 3.80
C SER B 100 4.02 31.73 3.76
N ARG B 101 3.94 32.32 2.57
CA ARG B 101 3.71 33.79 2.47
C ARG B 101 2.32 34.10 3.06
N ALA B 102 2.14 35.33 3.52
CA ALA B 102 0.89 35.76 4.20
C ALA B 102 -0.40 35.34 3.44
N ALA B 103 -0.40 35.48 2.12
CA ALA B 103 -1.58 35.19 1.27
C ALA B 103 -1.74 33.69 0.98
N PHE B 104 -0.77 32.86 1.39
CA PHE B 104 -0.87 31.39 1.22
C PHE B 104 -0.90 30.69 2.57
N ASP B 105 -1.16 31.43 3.65
CA ASP B 105 -1.01 30.93 5.05
C ASP B 105 -2.35 30.59 5.72
N GLY B 106 -3.51 30.89 5.12
CA GLY B 106 -4.80 30.63 5.78
C GLY B 106 -5.20 31.73 6.74
N TRP B 107 -4.80 32.98 6.47
CA TRP B 107 -5.35 34.17 7.17
C TRP B 107 -6.86 33.99 7.35
N ALA B 108 -7.41 34.24 8.53
CA ALA B 108 -8.79 33.85 8.85
C ALA B 108 -9.82 34.60 7.97
N GLU B 109 -9.53 35.81 7.53
CA GLU B 109 -10.47 36.60 6.67
C GLU B 109 -10.26 36.23 5.20
N ASP B 110 -9.21 35.44 4.87
CA ASP B 110 -8.85 35.11 3.46
C ASP B 110 -9.65 33.88 3.05
N ILE B 111 -10.94 34.05 2.84
CA ILE B 111 -11.88 32.93 2.65
C ILE B 111 -12.11 32.65 1.17
N THR B 112 -12.46 31.40 0.94
CA THR B 112 -12.98 30.85 -0.33
C THR B 112 -14.46 30.55 -0.11
N GLU B 113 -15.35 31.13 -0.93
CA GLU B 113 -16.81 30.82 -0.84
C GLU B 113 -17.12 29.51 -1.56
N PRO B 114 -18.22 28.82 -1.20
CA PRO B 114 -18.74 27.73 -2.04
C PRO B 114 -18.84 28.15 -3.50
N GLY B 115 -18.40 27.29 -4.43
CA GLY B 115 -18.35 27.62 -5.87
C GLY B 115 -17.09 28.39 -6.29
N SER B 116 -16.10 28.49 -5.37
CA SER B 116 -14.81 29.16 -5.65
C SER B 116 -13.66 28.20 -5.24
N PHE B 117 -12.48 28.49 -5.73
CA PHE B 117 -11.23 27.76 -5.36
C PHE B 117 -10.12 28.78 -5.11
N LYS B 118 -9.08 28.31 -4.40
CA LYS B 118 -7.85 29.11 -4.24
C LYS B 118 -6.64 28.20 -4.43
N ASP B 119 -5.67 28.71 -5.20
CA ASP B 119 -4.33 28.10 -5.39
C ASP B 119 -3.43 28.54 -4.23
N TYR B 120 -3.01 27.57 -3.42
CA TYR B 120 -2.02 27.78 -2.34
C TYR B 120 -0.62 27.31 -2.80
N TYR B 121 0.35 28.21 -2.69
CA TYR B 121 1.74 27.97 -3.16
C TYR B 121 2.60 27.79 -1.91
N TYR B 122 3.24 26.63 -1.76
CA TYR B 122 3.99 26.23 -0.54
C TYR B 122 5.47 26.03 -0.84
N PRO B 123 6.36 26.44 0.09
CA PRO B 123 7.81 26.43 -0.16
C PRO B 123 8.52 25.08 0.10
N ASN B 124 8.08 24.34 1.13
CA ASN B 124 8.68 23.02 1.50
C ASN B 124 10.20 23.13 1.63
N ARG B 125 10.69 24.16 2.30
CA ARG B 125 12.15 24.35 2.49
C ARG B 125 12.60 24.13 3.94
N GLN B 126 11.68 24.08 4.91
CA GLN B 126 12.03 23.94 6.34
C GLN B 126 12.52 22.51 6.66
N SER B 127 13.02 22.33 7.88
CA SER B 127 13.47 21.01 8.39
C SER B 127 12.33 19.99 8.26
N ALA B 128 12.69 18.74 7.97
CA ALA B 128 11.77 17.60 8.01
C ALA B 128 10.94 17.65 9.29
N ARG B 129 9.63 17.50 9.13
CA ARG B 129 8.69 17.65 10.27
C ARG B 129 7.31 17.13 9.84
N THR B 130 6.44 16.95 10.83
CA THR B 130 5.03 16.62 10.59
C THR B 130 4.22 17.91 10.64
N LEU B 131 3.82 18.41 9.47
CA LEU B 131 2.86 19.54 9.35
C LEU B 131 1.44 18.96 9.37
N TRP B 132 0.45 19.86 9.45
CA TRP B 132 -0.95 19.47 9.23
C TRP B 132 -1.68 20.64 8.57
N TYR B 133 -2.62 20.34 7.70
CA TYR B 133 -3.42 21.37 7.00
C TYR B 133 -4.85 21.31 7.57
N HIS B 134 -5.42 22.49 7.86
CA HIS B 134 -6.73 22.51 8.53
C HIS B 134 -7.45 23.81 8.24
N ASP B 135 -8.76 23.81 8.44
CA ASP B 135 -9.52 25.04 8.18
C ASP B 135 -9.14 26.12 9.20
N HIS B 136 -9.29 27.37 8.80
CA HIS B 136 -8.96 28.55 9.64
C HIS B 136 -9.91 29.74 9.38
N ALA B 137 -11.08 29.49 8.79
CA ALA B 137 -12.03 30.56 8.40
C ALA B 137 -12.53 31.29 9.67
N MET B 138 -12.57 32.62 9.60
N MET B 138 -12.54 32.60 9.63
CA MET B 138 -13.06 33.51 10.70
CA MET B 138 -12.89 33.44 10.81
C MET B 138 -14.36 32.97 11.32
C MET B 138 -14.29 33.12 11.34
N HIS B 139 -14.36 32.82 12.65
CA HIS B 139 -15.55 32.50 13.48
C HIS B 139 -16.09 31.08 13.28
N ILE B 140 -15.66 30.31 12.27
CA ILE B 140 -16.25 28.98 11.98
C ILE B 140 -15.16 27.90 11.90
N THR B 141 -13.98 28.20 12.44
CA THR B 141 -12.85 27.24 12.42
C THR B 141 -13.18 26.00 13.26
N ALA B 142 -13.77 26.15 14.45
CA ALA B 142 -14.04 24.99 15.31
C ALA B 142 -14.93 24.00 14.53
N GLU B 143 -16.06 24.46 13.99
CA GLU B 143 -17.01 23.54 13.36
C GLU B 143 -16.42 22.98 12.06
N ASN B 144 -15.72 23.80 11.26
CA ASN B 144 -15.11 23.29 10.00
C ASN B 144 -14.10 22.19 10.34
N ALA B 145 -13.25 22.38 11.37
CA ALA B 145 -12.26 21.34 11.77
C ALA B 145 -12.98 20.10 12.33
N TYR B 146 -13.94 20.33 13.20
CA TYR B 146 -14.73 19.26 13.86
C TYR B 146 -15.44 18.36 12.85
N ARG B 147 -16.00 18.96 11.80
CA ARG B 147 -16.77 18.20 10.78
C ARG B 147 -15.85 17.56 9.75
N GLY B 148 -14.52 17.76 9.82
CA GLY B 148 -13.59 16.93 9.02
C GLY B 148 -12.42 17.65 8.35
N GLN B 149 -12.32 18.98 8.35
CA GLN B 149 -11.28 19.71 7.56
C GLN B 149 -9.95 19.78 8.37
N ALA B 150 -9.29 18.63 8.45
CA ALA B 150 -7.92 18.49 8.97
C ALA B 150 -7.25 17.28 8.31
N GLY B 151 -5.97 17.38 7.93
CA GLY B 151 -5.18 16.25 7.40
C GLY B 151 -3.70 16.45 7.66
N LEU B 152 -2.91 15.40 7.42
CA LEU B 152 -1.44 15.43 7.69
C LEU B 152 -0.65 15.80 6.43
N TYR B 153 0.50 16.43 6.64
CA TYR B 153 1.40 16.83 5.52
C TYR B 153 2.84 16.59 6.03
N MET B 154 3.46 15.52 5.54
CA MET B 154 4.81 15.09 5.98
C MET B 154 5.86 15.72 5.05
N LEU B 155 6.76 16.50 5.62
CA LEU B 155 7.91 17.10 4.89
C LEU B 155 9.11 16.20 5.17
N THR B 156 9.70 15.63 4.11
CA THR B 156 10.73 14.57 4.24
C THR B 156 12.10 15.10 3.81
N ASP B 157 13.16 14.44 4.28
CA ASP B 157 14.55 14.80 3.96
C ASP B 157 15.39 13.52 3.96
N PRO B 158 16.15 13.24 2.87
CA PRO B 158 17.03 12.06 2.84
C PRO B 158 18.02 11.96 4.01
N ALA B 159 18.46 13.07 4.58
CA ALA B 159 19.37 13.04 5.74
C ALA B 159 18.67 12.46 6.97
N GLU B 160 17.38 12.74 7.15
CA GLU B 160 16.60 12.12 8.25
C GLU B 160 16.35 10.65 7.91
N ASP B 161 16.02 10.33 6.66
CA ASP B 161 15.80 8.91 6.26
C ASP B 161 17.06 8.08 6.57
N ALA B 162 18.25 8.67 6.43
CA ALA B 162 19.54 7.96 6.70
C ALA B 162 19.75 7.67 8.19
N LEU B 163 18.95 8.24 9.11
CA LEU B 163 19.02 7.86 10.54
C LEU B 163 18.53 6.41 10.75
N ASN B 164 17.76 5.87 9.82
CA ASN B 164 17.25 4.46 9.90
C ASN B 164 16.25 4.31 11.07
N LEU B 165 15.43 5.33 11.34
CA LEU B 165 14.28 5.19 12.27
C LEU B 165 13.27 4.21 11.66
N PRO B 166 12.34 3.66 12.45
CA PRO B 166 11.25 2.84 11.95
C PRO B 166 10.55 3.57 10.80
N SER B 167 10.36 2.88 9.68
CA SER B 167 9.98 3.51 8.41
C SER B 167 8.81 2.82 7.72
N GLY B 168 8.32 3.52 6.70
CA GLY B 168 7.27 3.07 5.77
C GLY B 168 5.90 3.58 6.26
N TYR B 169 5.32 4.56 5.57
CA TYR B 169 3.99 5.12 5.95
C TYR B 169 2.96 3.98 5.93
N GLY B 170 2.30 3.76 7.07
CA GLY B 170 1.29 2.71 7.27
C GLY B 170 1.91 1.35 7.52
N GLU B 171 3.25 1.27 7.54
CA GLU B 171 3.99 0.02 7.86
C GLU B 171 4.53 0.15 9.29
N PHE B 172 5.70 0.78 9.48
CA PHE B 172 6.22 1.04 10.85
C PHE B 172 6.25 2.53 11.19
N ASP B 173 5.72 3.39 10.32
CA ASP B 173 5.60 4.86 10.53
C ASP B 173 4.09 5.17 10.47
N ILE B 174 3.46 5.38 11.63
CA ILE B 174 1.97 5.37 11.74
C ILE B 174 1.46 6.75 12.14
N PRO B 175 0.55 7.36 11.36
CA PRO B 175 -0.10 8.62 11.78
C PRO B 175 -1.04 8.35 12.94
N MET B 176 -1.04 9.26 13.92
CA MET B 176 -1.91 9.12 15.11
C MET B 176 -2.63 10.46 15.35
N ILE B 177 -3.61 10.77 14.51
CA ILE B 177 -4.38 12.05 14.61
C ILE B 177 -5.47 11.86 15.67
N LEU B 178 -5.37 12.61 16.78
CA LEU B 178 -6.30 12.48 17.92
C LEU B 178 -7.42 13.53 17.81
N THR B 179 -8.67 13.10 17.99
CA THR B 179 -9.81 14.04 18.10
C THR B 179 -10.76 13.56 19.21
N SER B 180 -11.63 14.48 19.67
CA SER B 180 -12.56 14.24 20.78
C SER B 180 -13.89 14.88 20.38
N LYS B 181 -14.94 14.05 20.20
CA LYS B 181 -16.24 14.54 19.70
C LYS B 181 -17.40 13.98 20.55
N GLN B 182 -18.61 14.45 20.26
CA GLN B 182 -19.83 13.96 20.94
C GLN B 182 -20.85 13.61 19.86
N TYR B 183 -21.58 12.53 20.07
CA TYR B 183 -22.59 12.03 19.11
C TYR B 183 -24.00 12.07 19.74
N THR B 184 -24.98 12.22 18.87
CA THR B 184 -26.43 12.20 19.23
C THR B 184 -26.88 10.75 19.45
N ALA B 185 -28.10 10.56 19.99
CA ALA B 185 -28.65 9.20 20.22
C ALA B 185 -28.76 8.42 18.90
N ASN B 186 -28.87 9.11 17.77
CA ASN B 186 -29.03 8.47 16.44
C ASN B 186 -27.68 8.41 15.69
N GLY B 187 -26.55 8.73 16.34
CA GLY B 187 -25.21 8.49 15.76
C GLY B 187 -24.73 9.60 14.86
N ASN B 188 -25.38 10.74 14.86
CA ASN B 188 -24.88 11.94 14.15
C ASN B 188 -23.98 12.71 15.12
N LEU B 189 -23.22 13.69 14.63
CA LEU B 189 -22.41 14.56 15.51
C LEU B 189 -23.29 15.61 16.20
N VAL B 190 -22.96 15.89 17.44
CA VAL B 190 -23.42 17.09 18.18
C VAL B 190 -22.59 18.25 17.66
N THR B 191 -23.23 19.31 17.18
CA THR B 191 -22.55 20.51 16.66
C THR B 191 -21.81 21.23 17.79
N THR B 192 -20.70 21.89 17.44
CA THR B 192 -19.97 22.82 18.36
C THR B 192 -20.65 24.19 18.33
N ASN B 193 -21.55 24.42 17.37
CA ASN B 193 -22.13 25.77 17.15
C ASN B 193 -22.85 26.20 18.42
N GLY B 194 -22.65 27.44 18.85
CA GLY B 194 -23.24 27.94 20.10
C GLY B 194 -22.30 27.80 21.29
N GLU B 195 -21.29 26.92 21.21
CA GLU B 195 -20.40 26.71 22.38
C GLU B 195 -19.42 27.89 22.47
N LEU B 196 -19.28 28.49 23.66
CA LEU B 196 -18.40 29.68 23.84
C LEU B 196 -17.29 29.41 24.85
N ASN B 197 -17.30 28.30 25.58
CA ASN B 197 -16.31 28.01 26.64
CA ASN B 197 -16.28 28.03 26.62
C ASN B 197 -15.27 26.99 26.12
N SER B 198 -15.73 25.78 25.85
CA SER B 198 -14.88 24.66 25.31
C SER B 198 -15.79 23.52 24.92
N PHE B 199 -15.41 22.78 23.88
CA PHE B 199 -16.16 21.60 23.42
C PHE B 199 -15.29 20.39 23.68
N TRP B 200 -15.48 19.73 24.81
CA TRP B 200 -14.49 18.69 25.25
C TRP B 200 -14.62 17.43 24.40
N GLY B 201 -15.85 16.96 24.17
CA GLY B 201 -16.11 15.66 23.52
C GLY B 201 -15.93 14.49 24.49
N ASP B 202 -16.75 13.43 24.34
CA ASP B 202 -16.65 12.25 25.22
C ASP B 202 -16.24 11.01 24.44
N VAL B 203 -16.03 11.12 23.13
CA VAL B 203 -15.61 9.96 22.30
C VAL B 203 -14.23 10.28 21.70
N ILE B 204 -13.23 9.49 22.08
CA ILE B 204 -11.82 9.64 21.61
C ILE B 204 -11.66 8.89 20.28
N HIS B 205 -11.15 9.58 19.27
CA HIS B 205 -10.90 9.03 17.93
C HIS B 205 -9.40 9.00 17.65
N VAL B 206 -8.93 7.99 16.92
CA VAL B 206 -7.62 8.08 16.23
C VAL B 206 -7.84 7.97 14.72
N ASN B 207 -7.27 8.88 13.92
CA ASN B 207 -7.50 8.96 12.46
C ASN B 207 -9.02 8.84 12.13
N GLY B 208 -9.87 9.52 12.91
CA GLY B 208 -11.31 9.63 12.58
C GLY B 208 -12.13 8.47 13.11
N GLN B 209 -11.51 7.47 13.72
CA GLN B 209 -12.22 6.26 14.19
C GLN B 209 -12.29 6.26 15.70
N PRO B 210 -13.50 6.16 16.33
CA PRO B 210 -13.56 5.94 17.76
C PRO B 210 -12.84 4.67 18.21
N TRP B 211 -12.07 4.78 19.28
CA TRP B 211 -11.46 3.69 20.07
C TRP B 211 -11.11 2.50 19.19
N PRO B 212 -10.13 2.62 18.28
CA PRO B 212 -9.76 1.50 17.40
C PRO B 212 -8.79 0.52 18.05
N PHE B 213 -8.44 -0.51 17.30
CA PHE B 213 -7.30 -1.40 17.65
C PHE B 213 -6.36 -1.46 16.44
N LYS B 214 -5.14 -1.88 16.69
CA LYS B 214 -4.20 -2.22 15.58
CA LYS B 214 -4.21 -2.22 15.58
C LYS B 214 -3.38 -3.43 16.00
N ASN B 215 -3.23 -4.38 15.09
CA ASN B 215 -2.29 -5.50 15.23
C ASN B 215 -0.87 -5.02 14.92
N VAL B 216 0.03 -5.20 15.86
CA VAL B 216 1.45 -4.81 15.71
C VAL B 216 2.36 -6.00 15.98
N GLU B 217 3.57 -5.93 15.44
CA GLU B 217 4.67 -6.89 15.71
CA GLU B 217 4.65 -6.90 15.73
C GLU B 217 5.46 -6.41 16.92
N PRO B 218 6.14 -7.33 17.64
CA PRO B 218 6.93 -6.98 18.81
C PRO B 218 8.28 -6.37 18.39
N ARG B 219 8.23 -5.13 17.90
CA ARG B 219 9.42 -4.40 17.41
C ARG B 219 9.11 -2.89 17.51
N LYS B 220 9.96 -2.06 16.93
CA LYS B 220 9.84 -0.57 17.01
C LYS B 220 8.92 -0.01 15.92
N TYR B 221 8.10 0.94 16.34
CA TYR B 221 7.25 1.75 15.45
C TYR B 221 7.48 3.23 15.75
N ARG B 222 7.37 4.05 14.70
CA ARG B 222 7.34 5.53 14.79
C ARG B 222 5.86 5.93 14.75
N PHE B 223 5.41 6.67 15.77
CA PHE B 223 4.02 7.17 15.88
C PHE B 223 4.07 8.69 15.77
N ARG B 224 3.28 9.25 14.85
CA ARG B 224 3.19 10.72 14.65
C ARG B 224 1.90 11.21 15.31
N PHE B 225 2.01 11.63 16.57
CA PHE B 225 0.86 12.16 17.33
C PHE B 225 0.59 13.60 16.92
N LEU B 226 -0.70 13.89 16.68
CA LEU B 226 -1.21 15.26 16.42
C LEU B 226 -2.49 15.41 17.24
N ASP B 227 -2.59 16.47 18.05
CA ASP B 227 -3.88 16.76 18.70
C ASP B 227 -4.69 17.68 17.79
N ALA B 228 -5.63 17.12 17.02
CA ALA B 228 -6.52 17.86 16.11
C ALA B 228 -7.90 18.11 16.76
N ALA B 229 -8.02 17.92 18.07
CA ALA B 229 -9.29 18.11 18.81
C ALA B 229 -9.65 19.59 18.80
N VAL B 230 -10.94 19.85 18.97
CA VAL B 230 -11.42 21.24 19.17
C VAL B 230 -10.89 21.81 20.50
N SER B 231 -11.07 21.11 21.61
CA SER B 231 -10.73 21.64 22.95
C SER B 231 -10.01 20.65 23.85
N ARG B 232 -9.89 19.36 23.50
CA ARG B 232 -9.31 18.39 24.47
C ARG B 232 -7.77 18.31 24.35
N SER B 233 -7.10 18.52 25.49
CA SER B 233 -5.66 18.28 25.73
C SER B 233 -5.51 16.86 26.28
N PHE B 234 -4.37 16.22 26.09
CA PHE B 234 -4.13 14.83 26.51
C PHE B 234 -2.86 14.71 27.37
N GLY B 235 -2.83 13.67 28.18
CA GLY B 235 -1.62 13.17 28.85
C GLY B 235 -1.48 11.70 28.50
N LEU B 236 -0.72 11.39 27.44
CA LEU B 236 -0.68 10.04 26.83
C LEU B 236 0.30 9.14 27.56
N TYR B 237 -0.12 7.89 27.76
CA TYR B 237 0.81 6.85 28.27
C TYR B 237 0.36 5.49 27.73
N PHE B 238 1.26 4.53 27.77
CA PHE B 238 1.01 3.16 27.27
C PHE B 238 1.01 2.23 28.47
N ALA B 239 0.09 1.24 28.50
CA ALA B 239 0.10 0.24 29.58
C ALA B 239 -0.38 -1.13 29.07
N ASP B 240 0.28 -2.18 29.55
CA ASP B 240 -0.15 -3.60 29.34
C ASP B 240 -1.53 -3.76 29.99
N THR B 241 -2.47 -4.39 29.30
CA THR B 241 -3.83 -4.59 29.87
C THR B 241 -3.75 -5.47 31.13
N ASP B 242 -2.65 -6.18 31.38
CA ASP B 242 -2.42 -7.01 32.60
CA ASP B 242 -2.55 -6.98 32.63
C ASP B 242 -1.96 -6.14 33.78
N ALA B 243 -1.56 -4.88 33.51
CA ALA B 243 -1.09 -3.92 34.55
C ALA B 243 -1.42 -2.50 34.07
N ILE B 244 -2.72 -2.20 34.02
CA ILE B 244 -3.34 -1.11 33.24
C ILE B 244 -2.85 0.26 33.73
N ASP B 245 -2.27 0.35 34.92
CA ASP B 245 -1.82 1.65 35.46
C ASP B 245 -0.29 1.81 35.37
N THR B 246 0.45 0.76 34.98
CA THR B 246 1.93 0.81 34.98
C THR B 246 2.41 1.37 33.63
N ARG B 247 2.92 2.60 33.66
CA ARG B 247 3.30 3.35 32.43
C ARG B 247 4.53 2.68 31.84
N LEU B 248 4.53 2.41 30.55
CA LEU B 248 5.68 1.81 29.86
C LEU B 248 6.54 2.89 29.21
N PRO B 249 7.88 2.79 29.29
CA PRO B 249 8.78 3.77 28.71
CA PRO B 249 8.78 3.78 28.70
C PRO B 249 8.75 3.83 27.17
N PHE B 250 8.96 5.04 26.64
CA PHE B 250 9.10 5.28 25.19
C PHE B 250 10.07 6.43 24.96
N LYS B 251 10.28 6.77 23.70
CA LYS B 251 11.21 7.87 23.33
CA LYS B 251 11.20 7.87 23.35
C LYS B 251 10.48 8.88 22.44
N VAL B 252 10.55 10.16 22.79
CA VAL B 252 10.11 11.25 21.88
C VAL B 252 11.32 11.62 21.01
N ILE B 253 11.12 11.64 19.71
CA ILE B 253 12.19 11.94 18.74
C ILE B 253 11.97 13.29 18.08
N ALA B 254 10.74 13.83 18.09
CA ALA B 254 10.47 15.08 17.32
C ALA B 254 9.31 15.84 17.93
N SER B 255 9.38 17.16 17.78
CA SER B 255 8.34 18.11 18.21
C SER B 255 7.80 18.82 16.97
N ASP B 256 7.06 19.90 17.14
CA ASP B 256 6.30 20.51 16.02
C ASP B 256 7.22 20.78 14.83
N SER B 257 8.43 21.30 15.08
CA SER B 257 9.31 21.84 14.03
C SER B 257 10.31 20.80 13.53
N GLY B 258 10.31 19.59 14.09
CA GLY B 258 11.20 18.51 13.64
C GLY B 258 11.97 17.86 14.78
N LEU B 259 13.07 17.19 14.44
CA LEU B 259 13.79 16.33 15.41
C LEU B 259 14.28 17.12 16.63
N LEU B 260 14.25 16.48 17.79
CA LEU B 260 14.99 16.92 18.98
C LEU B 260 16.49 16.66 18.77
N GLU B 261 17.30 17.24 19.64
CA GLU B 261 18.78 17.05 19.54
C GLU B 261 19.08 15.58 19.82
N HIS B 262 18.37 15.05 20.80
CA HIS B 262 18.52 13.66 21.31
C HIS B 262 17.12 13.14 21.63
N PRO B 263 16.90 11.81 21.60
CA PRO B 263 15.61 11.28 22.04
C PRO B 263 15.39 11.61 23.52
N ALA B 264 14.13 11.90 23.87
CA ALA B 264 13.74 12.17 25.26
C ALA B 264 13.05 10.94 25.81
N ASP B 265 13.66 10.29 26.82
CA ASP B 265 13.09 9.09 27.47
CA ASP B 265 13.08 9.09 27.47
C ASP B 265 11.88 9.56 28.29
N THR B 266 10.70 9.03 27.99
CA THR B 266 9.41 9.57 28.47
C THR B 266 8.47 8.43 28.87
N SER B 267 7.63 8.61 29.89
CA SER B 267 6.52 7.66 30.20
CA SER B 267 6.53 7.67 30.23
C SER B 267 5.16 8.36 30.15
N LEU B 268 5.15 9.71 30.08
CA LEU B 268 3.90 10.50 30.02
C LEU B 268 4.11 11.63 29.04
N LEU B 269 3.26 11.73 28.01
CA LEU B 269 3.40 12.80 27.02
C LEU B 269 2.22 13.77 27.11
N TYR B 270 2.46 14.97 27.63
CA TYR B 270 1.47 16.06 27.50
C TYR B 270 1.41 16.48 26.04
N ILE B 271 0.20 16.58 25.49
CA ILE B 271 0.02 17.07 24.10
C ILE B 271 -1.30 17.84 24.05
N SER B 272 -1.22 19.10 23.68
CA SER B 272 -2.40 20.00 23.59
C SER B 272 -2.70 20.37 22.12
N MET B 273 -3.78 21.08 21.90
CA MET B 273 -4.31 21.32 20.54
C MET B 273 -3.21 21.87 19.62
N ALA B 274 -3.04 21.20 18.48
CA ALA B 274 -2.19 21.57 17.33
C ALA B 274 -0.71 21.18 17.53
N GLU B 275 -0.34 20.66 18.69
CA GLU B 275 1.02 20.10 18.90
C GLU B 275 1.18 18.79 18.13
N ARG B 276 2.39 18.59 17.60
CA ARG B 276 2.83 17.29 16.99
C ARG B 276 4.02 16.81 17.80
N TYR B 277 3.97 15.56 18.21
CA TYR B 277 5.15 14.87 18.81
C TYR B 277 5.29 13.54 18.12
N GLU B 278 6.52 13.16 17.77
CA GLU B 278 6.75 11.85 17.15
C GLU B 278 7.47 10.98 18.18
N VAL B 279 6.97 9.77 18.35
CA VAL B 279 7.38 8.80 19.40
C VAL B 279 7.91 7.54 18.70
N VAL B 280 8.92 6.93 19.30
CA VAL B 280 9.26 5.52 18.96
C VAL B 280 8.85 4.68 20.16
N PHE B 281 7.95 3.73 19.91
CA PHE B 281 7.55 2.73 20.92
C PHE B 281 8.12 1.37 20.50
N ASP B 282 8.73 0.66 21.46
CA ASP B 282 9.37 -0.66 21.23
C ASP B 282 8.47 -1.74 21.83
N PHE B 283 7.73 -2.45 21.00
CA PHE B 283 6.83 -3.52 21.49
C PHE B 283 7.60 -4.82 21.79
N SER B 284 8.93 -4.90 21.61
CA SER B 284 9.63 -6.22 21.70
CA SER B 284 9.74 -6.15 21.77
C SER B 284 9.44 -6.87 23.09
N ASP B 285 9.39 -6.11 24.18
CA ASP B 285 9.22 -6.70 25.54
C ASP B 285 7.78 -7.17 25.78
N TYR B 286 6.84 -6.95 24.86
CA TYR B 286 5.39 -7.16 25.11
C TYR B 286 4.83 -8.17 24.11
N ALA B 287 5.65 -9.08 23.59
CA ALA B 287 5.14 -10.06 22.61
C ALA B 287 3.98 -10.85 23.24
N GLY B 288 2.90 -11.01 22.49
CA GLY B 288 1.72 -11.78 22.92
C GLY B 288 0.85 -11.04 23.93
N LYS B 289 1.09 -9.74 24.11
N LYS B 289 1.12 -9.75 24.19
CA LYS B 289 0.31 -8.88 25.06
CA LYS B 289 0.34 -8.90 25.14
C LYS B 289 -0.62 -7.95 24.29
C LYS B 289 -0.53 -7.92 24.36
N THR B 290 -1.50 -7.28 25.03
CA THR B 290 -2.25 -6.12 24.48
C THR B 290 -1.76 -4.87 25.25
N ILE B 291 -1.33 -3.85 24.50
CA ILE B 291 -0.91 -2.53 25.08
C ILE B 291 -2.03 -1.52 24.79
N GLU B 292 -2.54 -0.88 25.84
CA GLU B 292 -3.57 0.17 25.68
C GLU B 292 -2.86 1.53 25.75
N LEU B 293 -3.13 2.37 24.77
CA LEU B 293 -2.83 3.81 24.81
C LEU B 293 -3.94 4.52 25.61
N ARG B 294 -3.53 5.16 26.72
CA ARG B 294 -4.43 5.77 27.70
C ARG B 294 -4.13 7.27 27.82
N ASN B 295 -5.06 7.94 28.48
CA ASN B 295 -5.10 9.41 28.67
C ASN B 295 -5.32 9.70 30.16
N LEU B 296 -4.41 10.48 30.75
N LEU B 296 -4.42 10.48 30.74
CA LEU B 296 -4.55 10.97 32.13
CA LEU B 296 -4.44 10.89 32.16
C LEU B 296 -5.96 11.54 32.33
C LEU B 296 -5.70 11.71 32.48
N GLY B 297 -6.46 11.31 33.53
CA GLY B 297 -7.66 12.03 34.00
C GLY B 297 -7.31 13.11 35.00
N GLY B 298 -8.31 13.56 35.74
CA GLY B 298 -8.16 14.72 36.63
C GLY B 298 -7.73 15.95 35.85
N SER B 299 -8.33 16.19 34.70
CA SER B 299 -8.03 17.32 33.78
C SER B 299 -6.51 17.33 33.49
N ILE B 300 -6.03 16.25 32.87
CA ILE B 300 -4.60 16.06 32.49
C ILE B 300 -3.74 16.31 33.73
N GLY B 301 -4.05 15.56 34.80
CA GLY B 301 -3.24 15.55 36.02
C GLY B 301 -3.09 16.92 36.64
N GLY B 302 -4.16 17.73 36.65
CA GLY B 302 -4.11 19.06 37.27
C GLY B 302 -3.50 20.13 36.39
N ILE B 303 -3.01 19.79 35.18
CA ILE B 303 -2.45 20.82 34.26
C ILE B 303 -3.61 21.57 33.60
N GLY B 304 -4.65 20.84 33.19
CA GLY B 304 -5.79 21.44 32.48
C GLY B 304 -7.02 21.64 33.31
N THR B 305 -8.12 21.92 32.64
CA THR B 305 -9.48 22.07 33.21
C THR B 305 -10.47 21.17 32.47
N ASP B 306 -10.04 20.39 31.48
CA ASP B 306 -10.96 19.63 30.59
C ASP B 306 -11.86 18.70 31.42
N THR B 307 -13.12 18.55 31.02
CA THR B 307 -14.00 17.53 31.61
C THR B 307 -13.55 16.11 31.19
N ASP B 308 -13.57 15.20 32.13
CA ASP B 308 -13.25 13.77 31.93
C ASP B 308 -14.55 12.97 31.93
N TYR B 309 -14.70 12.04 30.99
CA TYR B 309 -15.90 11.19 30.89
C TYR B 309 -15.50 9.74 31.11
N ASP B 310 -16.51 8.86 31.15
CA ASP B 310 -16.32 7.43 31.46
C ASP B 310 -15.23 6.79 30.59
N ASN B 311 -15.09 7.15 29.32
CA ASN B 311 -14.14 6.40 28.45
C ASN B 311 -13.09 7.33 27.85
N THR B 312 -12.88 8.55 28.36
CA THR B 312 -11.86 9.46 27.77
C THR B 312 -10.48 9.12 28.37
N ASP B 313 -10.38 8.13 29.26
CA ASP B 313 -9.08 7.55 29.70
C ASP B 313 -8.53 6.56 28.64
N LYS B 314 -9.32 6.20 27.64
CA LYS B 314 -8.97 5.17 26.63
C LYS B 314 -8.78 5.82 25.28
N VAL B 315 -7.71 5.46 24.56
CA VAL B 315 -7.46 5.98 23.21
C VAL B 315 -7.57 4.83 22.21
N MET B 316 -6.67 3.84 22.29
CA MET B 316 -6.73 2.66 21.38
C MET B 316 -5.95 1.51 21.98
N ARG B 317 -6.07 0.32 21.39
CA ARG B 317 -5.29 -0.86 21.78
C ARG B 317 -4.40 -1.37 20.65
N PHE B 318 -3.23 -1.82 21.04
CA PHE B 318 -2.22 -2.47 20.17
C PHE B 318 -2.17 -3.94 20.58
N VAL B 319 -2.50 -4.84 19.65
CA VAL B 319 -2.45 -6.30 19.94
C VAL B 319 -1.12 -6.81 19.42
N VAL B 320 -0.21 -7.20 20.30
CA VAL B 320 1.20 -7.47 19.90
C VAL B 320 1.35 -8.97 19.53
N ALA B 321 1.78 -9.26 18.31
CA ALA B 321 2.04 -10.66 17.86
C ALA B 321 3.14 -11.33 18.71
N ASP B 322 3.27 -12.66 18.62
CA ASP B 322 4.34 -13.40 19.32
C ASP B 322 5.72 -13.18 18.70
N ASP B 323 5.79 -12.89 17.42
CA ASP B 323 7.12 -12.69 16.79
CA ASP B 323 7.12 -12.71 16.75
C ASP B 323 7.04 -11.63 15.69
N THR B 324 8.20 -11.12 15.32
CA THR B 324 8.39 -10.23 14.18
C THR B 324 8.79 -11.13 13.01
N THR B 325 8.17 -10.93 11.85
CA THR B 325 8.42 -11.78 10.66
C THR B 325 9.87 -11.61 10.18
N GLN B 326 10.28 -10.37 9.96
CA GLN B 326 11.67 -10.03 9.54
CA GLN B 326 11.67 -10.07 9.57
C GLN B 326 12.31 -9.27 10.69
N PRO B 327 13.59 -9.54 11.01
CA PRO B 327 14.28 -8.82 12.06
C PRO B 327 14.13 -7.30 11.88
N ASP B 328 13.92 -6.65 13.02
CA ASP B 328 13.86 -5.18 13.10
C ASP B 328 15.30 -4.69 13.03
N THR B 329 15.66 -4.02 11.95
CA THR B 329 17.01 -3.43 11.81
C THR B 329 16.94 -1.92 11.98
N SER B 330 15.81 -1.37 12.36
CA SER B 330 15.72 0.08 12.64
C SER B 330 16.45 0.40 13.95
N VAL B 331 16.77 1.69 14.13
CA VAL B 331 17.45 2.19 15.35
C VAL B 331 16.83 3.52 15.78
N VAL B 332 17.14 3.91 16.98
CA VAL B 332 16.83 5.28 17.49
C VAL B 332 18.18 5.86 17.88
N PRO B 333 18.81 6.65 16.99
CA PRO B 333 20.15 7.16 17.29
C PRO B 333 20.16 8.04 18.53
N ALA B 334 21.25 8.02 19.31
CA ALA B 334 21.40 8.89 20.49
C ALA B 334 21.45 10.38 20.08
N ASN B 335 22.02 10.66 18.92
CA ASN B 335 22.19 12.01 18.33
C ASN B 335 21.36 12.09 17.07
N LEU B 336 20.31 12.91 17.11
CA LEU B 336 19.38 13.01 15.97
C LEU B 336 19.79 14.16 15.04
N ARG B 337 20.08 15.33 15.60
CA ARG B 337 20.48 16.48 14.76
C ARG B 337 21.10 17.59 15.61
N ASP B 338 21.68 18.56 14.93
CA ASP B 338 22.03 19.87 15.52
C ASP B 338 20.78 20.78 15.39
N VAL B 339 20.11 21.04 16.49
CA VAL B 339 18.86 21.85 16.41
C VAL B 339 19.25 23.31 16.13
N PRO B 340 18.63 23.96 15.12
CA PRO B 340 19.00 25.34 14.77
C PRO B 340 18.32 26.40 15.67
N PHE B 341 18.72 26.43 16.92
CA PHE B 341 18.15 27.38 17.91
C PHE B 341 18.42 28.83 17.48
N PRO B 342 17.49 29.76 17.76
CA PRO B 342 17.77 31.17 17.47
C PRO B 342 18.93 31.65 18.33
N SER B 343 19.65 32.66 17.83
CA SER B 343 20.71 33.34 18.60
CA SER B 343 20.69 33.41 18.59
C SER B 343 20.05 34.06 19.80
N PRO B 344 20.51 33.82 21.05
CA PRO B 344 19.88 34.41 22.22
C PRO B 344 19.84 35.93 22.13
N THR B 345 18.74 36.52 22.60
CA THR B 345 18.58 38.01 22.68
C THR B 345 18.54 38.41 24.15
N THR B 346 19.10 39.58 24.46
CA THR B 346 18.99 40.21 25.81
C THR B 346 17.82 41.22 25.80
N ASN B 347 17.16 41.47 24.67
CA ASN B 347 16.04 42.45 24.61
C ASN B 347 14.86 42.03 25.51
N THR B 348 14.28 42.99 26.23
CA THR B 348 13.19 42.67 27.18
CA THR B 348 13.11 42.84 27.13
C THR B 348 12.04 42.03 26.40
N PRO B 349 11.47 40.94 26.95
CA PRO B 349 10.37 40.27 26.25
C PRO B 349 9.09 41.11 26.06
N ARG B 350 8.38 40.91 24.94
CA ARG B 350 7.00 41.44 24.79
C ARG B 350 6.11 40.62 25.72
N GLN B 351 5.06 41.20 26.27
CA GLN B 351 4.13 40.46 27.16
CA GLN B 351 4.14 40.45 27.15
C GLN B 351 2.76 40.32 26.48
N PHE B 352 2.21 39.11 26.46
CA PHE B 352 0.84 38.84 25.94
C PHE B 352 0.06 38.09 27.01
N ARG B 353 -1.09 38.64 27.41
CA ARG B 353 -1.97 38.07 28.46
CA ARG B 353 -1.98 38.08 28.46
C ARG B 353 -3.21 37.45 27.81
N PHE B 354 -3.40 36.16 28.05
CA PHE B 354 -4.50 35.36 27.51
C PHE B 354 -5.54 35.23 28.61
N GLY B 355 -6.71 35.81 28.38
CA GLY B 355 -7.79 35.76 29.38
C GLY B 355 -9.12 36.12 28.76
N ARG B 356 -10.00 36.73 29.54
CA ARG B 356 -11.38 37.03 29.09
CA ARG B 356 -11.38 37.04 29.11
C ARG B 356 -11.65 38.53 29.33
N THR B 357 -12.36 39.14 28.39
CA THR B 357 -12.90 40.51 28.49
C THR B 357 -14.41 40.29 28.43
N GLY B 358 -15.12 40.39 29.55
CA GLY B 358 -16.52 39.93 29.59
C GLY B 358 -16.56 38.46 29.21
N PRO B 359 -17.45 38.02 28.29
CA PRO B 359 -17.52 36.61 27.86
C PRO B 359 -16.54 36.22 26.73
N THR B 360 -15.80 37.17 26.18
CA THR B 360 -14.92 36.94 25.00
C THR B 360 -13.51 36.56 25.46
N TRP B 361 -12.94 35.52 24.85
CA TRP B 361 -11.51 35.16 25.04
C TRP B 361 -10.64 36.15 24.27
N THR B 362 -9.67 36.79 24.92
CA THR B 362 -8.91 37.92 24.33
C THR B 362 -7.42 37.78 24.55
N ILE B 363 -6.68 38.61 23.82
CA ILE B 363 -5.21 38.77 23.98
C ILE B 363 -4.95 40.24 24.34
N ASN B 364 -4.37 40.53 25.49
CA ASN B 364 -4.12 41.91 25.96
C ASN B 364 -5.45 42.70 25.88
N GLY B 365 -6.56 42.02 26.15
CA GLY B 365 -7.92 42.62 26.17
C GLY B 365 -8.48 42.90 24.79
N VAL B 366 -7.88 42.39 23.73
CA VAL B 366 -8.32 42.63 22.34
C VAL B 366 -8.85 41.34 21.71
N ALA B 367 -9.93 41.44 20.96
CA ALA B 367 -10.52 40.36 20.12
C ALA B 367 -10.05 40.49 18.67
N PHE B 368 -9.86 39.38 17.98
CA PHE B 368 -9.33 39.43 16.60
C PHE B 368 -10.25 40.28 15.71
N ALA B 369 -11.55 40.24 15.92
CA ALA B 369 -12.53 40.96 15.07
C ALA B 369 -12.27 42.47 15.14
N ASP B 370 -11.62 42.96 16.19
CA ASP B 370 -11.34 44.40 16.38
C ASP B 370 -10.09 44.79 15.58
N VAL B 371 -10.30 45.01 14.28
CA VAL B 371 -9.24 45.32 13.30
C VAL B 371 -8.36 46.44 13.81
N GLN B 372 -8.93 47.52 14.36
CA GLN B 372 -8.14 48.70 14.76
C GLN B 372 -7.07 48.34 15.82
N ASN B 373 -7.34 47.34 16.67
CA ASN B 373 -6.48 47.09 17.86
C ASN B 373 -5.73 45.73 17.77
N ARG B 374 -6.02 44.90 16.78
CA ARG B 374 -5.54 43.49 16.85
C ARG B 374 -4.08 43.33 16.34
N LEU B 375 -3.47 44.34 15.74
CA LEU B 375 -2.04 44.26 15.30
CA LEU B 375 -2.05 44.22 15.30
C LEU B 375 -1.17 44.60 16.51
N LEU B 376 -0.71 43.58 17.25
CA LEU B 376 -0.10 43.78 18.57
C LEU B 376 1.42 43.91 18.51
N ALA B 377 2.07 43.63 17.39
CA ALA B 377 3.55 43.73 17.31
C ALA B 377 3.99 43.97 15.87
N ASN B 378 4.94 44.87 15.73
CA ASN B 378 5.73 45.09 14.50
C ASN B 378 7.14 44.59 14.78
N VAL B 379 7.62 43.64 13.99
CA VAL B 379 8.91 42.95 14.19
C VAL B 379 9.68 43.04 12.89
N PRO B 380 10.83 43.76 12.84
CA PRO B 380 11.64 43.76 11.62
C PRO B 380 12.13 42.36 11.26
N VAL B 381 11.97 42.01 10.00
CA VAL B 381 12.44 40.68 9.50
C VAL B 381 13.92 40.51 9.84
N GLY B 382 14.26 39.36 10.44
CA GLY B 382 15.65 39.01 10.79
C GLY B 382 15.92 39.19 12.27
N THR B 383 15.01 39.85 13.01
CA THR B 383 15.07 40.09 14.47
CA THR B 383 15.28 40.02 14.45
C THR B 383 14.85 38.78 15.25
N VAL B 384 15.49 38.65 16.41
CA VAL B 384 15.11 37.63 17.41
C VAL B 384 14.36 38.34 18.52
N GLU B 385 13.20 37.84 18.91
CA GLU B 385 12.44 38.36 20.07
C GLU B 385 12.06 37.23 21.01
N ARG B 386 12.05 37.57 22.29
CA ARG B 386 11.35 36.77 23.31
C ARG B 386 9.93 37.31 23.53
N TRP B 387 8.96 36.42 23.57
CA TRP B 387 7.56 36.75 23.93
C TRP B 387 7.21 36.01 25.21
N GLU B 388 6.70 36.75 26.21
CA GLU B 388 6.23 36.21 27.51
CA GLU B 388 6.23 36.19 27.49
C GLU B 388 4.72 35.99 27.38
N LEU B 389 4.29 34.73 27.39
CA LEU B 389 2.90 34.30 27.14
C LEU B 389 2.28 33.91 28.49
N ILE B 390 1.27 34.68 28.91
CA ILE B 390 0.80 34.69 30.32
C ILE B 390 -0.63 34.20 30.38
N ASN B 391 -0.85 33.13 31.12
CA ASN B 391 -2.20 32.66 31.50
C ASN B 391 -2.31 32.89 33.00
N ALA B 392 -2.89 34.00 33.42
CA ALA B 392 -2.96 34.33 34.85
C ALA B 392 -4.04 33.49 35.55
N GLY B 393 -4.99 32.98 34.80
CA GLY B 393 -6.17 32.32 35.37
C GLY B 393 -5.97 30.85 35.72
N ASN B 394 -6.82 30.34 36.62
CA ASN B 394 -6.87 28.92 37.03
C ASN B 394 -8.04 28.19 36.36
N GLY B 395 -8.86 28.89 35.56
CA GLY B 395 -10.15 28.37 35.08
C GLY B 395 -10.13 27.87 33.65
N ALA B 396 -9.01 28.01 32.95
CA ALA B 396 -8.92 27.61 31.52
C ALA B 396 -7.45 27.48 31.17
N THR B 397 -7.16 26.82 30.05
CA THR B 397 -5.79 26.69 29.53
C THR B 397 -5.75 26.98 28.04
N HIS B 398 -4.56 27.37 27.56
CA HIS B 398 -4.40 27.99 26.23
C HIS B 398 -3.12 27.48 25.55
N PRO B 399 -3.20 26.58 24.55
CA PRO B 399 -2.03 26.26 23.72
C PRO B 399 -1.83 27.37 22.67
N ILE B 400 -0.76 28.14 22.83
CA ILE B 400 -0.51 29.36 22.01
C ILE B 400 0.32 28.97 20.78
N HIS B 401 -0.17 29.37 19.62
CA HIS B 401 0.45 29.13 18.32
C HIS B 401 0.85 30.47 17.70
N ILE B 402 2.09 30.54 17.19
CA ILE B 402 2.62 31.71 16.45
C ILE B 402 2.86 31.23 15.03
N HIS B 403 2.20 31.85 14.05
CA HIS B 403 2.48 31.55 12.62
C HIS B 403 3.91 31.97 12.25
N LEU B 404 4.36 31.55 11.07
CA LEU B 404 5.66 31.88 10.41
C LEU B 404 6.85 31.19 11.11
N VAL B 405 6.97 31.35 12.42
CA VAL B 405 8.23 31.01 13.14
C VAL B 405 8.26 29.58 13.69
N ASP B 406 9.47 29.14 13.99
CA ASP B 406 9.78 28.08 14.96
C ASP B 406 10.36 28.76 16.20
N PHE B 407 10.08 28.27 17.40
CA PHE B 407 10.59 28.93 18.62
C PHE B 407 11.19 27.91 19.58
N LYS B 408 12.10 28.44 20.39
CA LYS B 408 12.69 27.73 21.54
C LYS B 408 11.85 28.07 22.77
N VAL B 409 11.57 27.07 23.60
CA VAL B 409 10.85 27.29 24.87
C VAL B 409 11.89 27.57 25.97
N ILE B 410 11.97 28.81 26.43
CA ILE B 410 13.03 29.29 27.36
C ILE B 410 12.66 28.84 28.77
N SER B 411 11.42 29.06 29.19
CA SER B 411 11.02 28.94 30.60
C SER B 411 9.51 28.69 30.70
N ARG B 412 9.12 28.03 31.77
CA ARG B 412 7.71 27.89 32.19
C ARG B 412 7.67 28.08 33.70
N THR B 413 6.77 28.93 34.17
CA THR B 413 6.41 29.01 35.60
C THR B 413 4.95 28.57 35.73
N SER B 414 4.62 28.02 36.88
CA SER B 414 3.27 27.54 37.22
C SER B 414 2.86 28.11 38.58
N GLY B 415 1.73 28.80 38.64
CA GLY B 415 1.16 29.27 39.91
C GLY B 415 0.63 28.12 40.77
N ASN B 416 0.54 26.89 40.22
CA ASN B 416 0.22 25.68 41.03
C ASN B 416 1.50 24.83 41.24
N ASN B 417 2.67 25.38 40.96
CA ASN B 417 3.96 24.68 41.17
C ASN B 417 3.87 23.28 40.55
N ALA B 418 3.32 23.15 39.33
CA ALA B 418 2.98 21.86 38.70
C ALA B 418 4.10 21.31 37.81
N ARG B 419 4.88 22.16 37.18
CA ARG B 419 5.90 21.78 36.17
C ARG B 419 6.66 23.03 35.70
N THR B 420 7.81 22.80 35.08
CA THR B 420 8.57 23.80 34.32
C THR B 420 8.60 23.33 32.86
N VAL B 421 9.73 23.47 32.17
CA VAL B 421 9.83 23.06 30.74
C VAL B 421 9.97 21.52 30.71
N MET B 422 9.30 20.86 29.78
CA MET B 422 9.34 19.37 29.69
C MET B 422 10.52 18.95 28.82
N PRO B 423 11.05 17.72 28.95
CA PRO B 423 12.21 17.31 28.15
C PRO B 423 11.94 17.27 26.65
N TYR B 424 10.69 16.97 26.25
CA TYR B 424 10.29 16.95 24.82
C TYR B 424 9.95 18.35 24.31
N GLU B 425 10.07 19.38 25.16
CA GLU B 425 10.02 20.81 24.72
C GLU B 425 11.44 21.41 24.54
N SER B 426 12.46 20.56 24.44
CA SER B 426 13.90 20.95 24.42
C SER B 426 14.34 21.46 23.05
N GLY B 427 13.55 21.23 22.00
CA GLY B 427 13.88 21.50 20.59
C GLY B 427 13.22 22.78 20.08
N LEU B 428 12.63 22.68 18.89
CA LEU B 428 11.87 23.79 18.29
C LEU B 428 10.40 23.41 18.17
N LYS B 429 9.54 24.37 18.50
CA LYS B 429 8.07 24.21 18.53
C LYS B 429 7.39 25.38 17.83
N ASP B 430 6.09 25.21 17.57
CA ASP B 430 5.30 26.38 17.09
C ASP B 430 4.03 26.51 17.92
N VAL B 431 3.77 25.58 18.84
CA VAL B 431 2.64 25.66 19.80
C VAL B 431 3.21 25.42 21.18
N VAL B 432 2.77 26.14 22.19
CA VAL B 432 3.18 25.80 23.58
C VAL B 432 1.98 25.94 24.53
N TRP B 433 1.82 24.97 25.43
CA TRP B 433 0.63 24.86 26.29
C TRP B 433 0.80 25.68 27.57
N LEU B 434 0.02 26.75 27.71
CA LEU B 434 -0.15 27.48 28.99
C LEU B 434 -1.21 26.74 29.80
N GLY B 435 -0.76 25.82 30.66
CA GLY B 435 -1.65 25.16 31.62
C GLY B 435 -2.15 26.15 32.65
N ARG B 436 -2.81 25.65 33.69
CA ARG B 436 -3.42 26.54 34.72
C ARG B 436 -2.33 27.43 35.32
N ARG B 437 -2.56 28.75 35.35
CA ARG B 437 -1.64 29.71 36.00
C ARG B 437 -0.21 29.57 35.47
N GLU B 438 -0.06 29.30 34.18
CA GLU B 438 1.27 29.13 33.59
C GLU B 438 1.67 30.36 32.75
N THR B 439 2.95 30.72 32.85
CA THR B 439 3.61 31.72 31.98
C THR B 439 4.78 31.03 31.30
N VAL B 440 4.86 31.15 29.98
CA VAL B 440 5.95 30.58 29.18
C VAL B 440 6.65 31.72 28.43
N VAL B 441 7.96 31.71 28.41
CA VAL B 441 8.73 32.61 27.51
C VAL B 441 9.21 31.77 26.34
N VAL B 442 8.98 32.25 25.12
CA VAL B 442 9.48 31.63 23.88
C VAL B 442 10.44 32.63 23.22
N GLU B 443 11.36 32.11 22.40
CA GLU B 443 12.34 32.91 21.65
C GLU B 443 12.33 32.47 20.20
N ALA B 444 12.22 33.42 19.26
CA ALA B 444 12.09 33.07 17.83
C ALA B 444 12.82 34.08 16.95
N HIS B 445 13.40 33.58 15.86
CA HIS B 445 13.91 34.37 14.73
C HIS B 445 12.75 34.67 13.78
N TYR B 446 12.37 35.95 13.68
CA TYR B 446 11.22 36.37 12.86
C TYR B 446 11.73 36.54 11.42
N ALA B 447 11.76 35.43 10.68
CA ALA B 447 12.48 35.33 9.38
C ALA B 447 11.90 34.13 8.63
N PRO B 448 12.06 34.03 7.30
CA PRO B 448 12.78 35.03 6.50
C PRO B 448 11.90 35.96 5.65
N PHE B 449 10.59 35.88 5.82
CA PHE B 449 9.62 36.56 4.90
C PHE B 449 8.87 37.65 5.64
N PRO B 450 8.74 38.85 5.03
CA PRO B 450 7.82 39.85 5.56
C PRO B 450 6.34 39.55 5.30
N GLY B 451 5.49 39.98 6.24
CA GLY B 451 4.04 39.92 6.06
C GLY B 451 3.29 39.95 7.37
N VAL B 452 1.98 40.08 7.25
CA VAL B 452 1.08 40.06 8.43
C VAL B 452 0.64 38.61 8.64
N TYR B 453 0.84 38.10 9.87
CA TYR B 453 0.58 36.72 10.29
C TYR B 453 -0.22 36.70 11.60
N MET B 454 -0.95 35.62 11.81
CA MET B 454 -1.73 35.39 13.04
C MET B 454 -0.90 34.80 14.18
N PHE B 455 -1.35 35.04 15.40
CA PHE B 455 -0.97 34.22 16.57
C PHE B 455 -2.18 34.14 17.48
N HIS B 456 -2.31 33.03 18.21
CA HIS B 456 -3.61 32.73 18.84
C HIS B 456 -3.54 31.54 19.76
N CYS B 457 -4.51 31.46 20.66
CA CYS B 457 -4.87 30.18 21.32
C CYS B 457 -5.42 29.20 20.28
N HIS B 458 -4.98 27.94 20.30
CA HIS B 458 -5.44 26.91 19.35
C HIS B 458 -6.51 25.97 19.96
N ASN B 459 -7.07 26.30 21.14
CA ASN B 459 -8.42 25.80 21.52
C ASN B 459 -9.42 26.45 20.55
N LEU B 460 -9.99 25.68 19.63
CA LEU B 460 -10.69 26.32 18.49
C LEU B 460 -11.92 27.10 18.99
N ILE B 461 -12.51 26.73 20.12
CA ILE B 461 -13.65 27.53 20.68
C ILE B 461 -13.10 28.90 21.13
N HIS B 462 -12.00 28.93 21.89
CA HIS B 462 -11.40 30.20 22.34
C HIS B 462 -11.01 31.03 21.11
N GLU B 463 -10.39 30.38 20.11
CA GLU B 463 -9.88 31.01 18.88
C GLU B 463 -11.04 31.73 18.15
N ASP B 464 -12.18 31.07 18.04
CA ASP B 464 -13.36 31.62 17.32
C ASP B 464 -14.01 32.75 18.13
N HIS B 465 -13.85 32.84 19.46
CA HIS B 465 -14.54 33.90 20.24
CA HIS B 465 -14.56 33.88 20.25
C HIS B 465 -13.71 34.40 21.40
N ASP B 466 -12.58 35.11 21.12
CA ASP B 466 -12.06 35.51 19.82
C ASP B 466 -10.55 35.73 19.98
N MET B 467 -9.88 34.72 20.51
CA MET B 467 -8.54 34.81 21.14
C MET B 467 -7.44 34.68 20.10
N MET B 468 -7.35 35.67 19.22
CA MET B 468 -6.39 35.70 18.10
CA MET B 468 -6.39 35.70 18.07
C MET B 468 -5.97 37.15 17.85
N ALA B 469 -4.74 37.34 17.38
CA ALA B 469 -4.18 38.66 17.10
C ALA B 469 -3.23 38.54 15.92
N ALA B 470 -2.56 39.62 15.55
CA ALA B 470 -1.64 39.62 14.41
C ALA B 470 -0.33 40.30 14.76
N PHE B 471 0.73 39.92 14.04
CA PHE B 471 2.00 40.66 14.04
C PHE B 471 2.32 40.97 12.58
N ASN B 472 3.13 41.99 12.41
CA ASN B 472 3.69 42.37 11.09
C ASN B 472 5.20 42.19 11.14
N ALA B 473 5.69 41.23 10.32
CA ALA B 473 7.13 41.04 10.11
C ALA B 473 7.53 42.03 9.00
N THR B 474 8.21 43.11 9.37
CA THR B 474 8.33 44.32 8.50
C THR B 474 9.66 44.35 7.77
N VAL B 475 9.68 45.03 6.62
CA VAL B 475 10.92 45.33 5.87
C VAL B 475 10.94 46.81 5.49
N LEU B 476 12.14 47.30 5.25
CA LEU B 476 12.40 48.68 4.74
C LEU B 476 12.01 48.74 3.27
N PRO B 477 11.75 49.95 2.76
CA PRO B 477 11.34 50.13 1.36
C PRO B 477 12.34 49.64 0.30
N ASP B 478 13.62 49.49 0.62
CA ASP B 478 14.61 49.05 -0.39
C ASP B 478 14.69 47.50 -0.48
N TYR B 479 13.85 46.75 0.23
CA TYR B 479 14.08 45.28 0.41
C TYR B 479 13.94 44.43 -0.88
N GLY B 480 13.03 44.79 -1.77
CA GLY B 480 12.76 44.04 -3.02
C GLY B 480 12.00 42.74 -2.77
N TYR B 481 12.38 41.66 -3.44
CA TYR B 481 11.69 40.34 -3.34
C TYR B 481 10.15 40.46 -3.55
N ASN B 482 9.70 41.40 -4.37
CA ASN B 482 8.24 41.58 -4.62
C ASN B 482 7.45 41.66 -3.29
N ALA B 483 8.05 42.23 -2.25
CA ALA B 483 7.41 42.32 -0.92
C ALA B 483 6.07 43.07 -1.04
N THR B 484 5.95 44.06 -1.93
CA THR B 484 4.70 44.86 -2.01
CA THR B 484 4.71 44.86 -2.09
C THR B 484 3.52 43.95 -2.38
N VAL B 485 3.70 42.83 -3.10
CA VAL B 485 2.56 41.92 -3.42
C VAL B 485 2.51 40.69 -2.50
N PHE B 486 3.41 40.55 -1.52
CA PHE B 486 3.41 39.37 -0.61
C PHE B 486 3.22 39.72 0.87
N VAL B 487 3.09 40.98 1.27
CA VAL B 487 2.96 41.31 2.72
C VAL B 487 1.48 41.29 3.17
N ASP B 488 0.54 41.51 2.25
CA ASP B 488 -0.89 41.65 2.62
C ASP B 488 -1.59 40.33 2.38
N PRO B 489 -2.15 39.65 3.41
CA PRO B 489 -2.79 38.35 3.17
C PRO B 489 -3.97 38.41 2.19
N MET B 490 -4.58 39.61 2.05
CA MET B 490 -5.82 39.80 1.25
C MET B 490 -5.50 40.33 -0.14
N GLU B 491 -4.21 40.36 -0.50
N GLU B 491 -4.23 40.31 -0.53
CA GLU B 491 -3.74 40.75 -1.85
CA GLU B 491 -3.72 40.77 -1.86
C GLU B 491 -4.67 40.16 -2.92
C GLU B 491 -4.57 40.17 -2.99
N GLU B 492 -5.20 41.01 -3.81
CA GLU B 492 -6.16 40.58 -4.86
C GLU B 492 -5.53 39.55 -5.80
N LEU B 493 -4.24 39.66 -6.15
CA LEU B 493 -3.61 38.66 -7.08
C LEU B 493 -3.85 37.22 -6.63
N TRP B 494 -3.91 36.98 -5.31
CA TRP B 494 -3.87 35.60 -4.75
C TRP B 494 -5.24 35.21 -4.19
N GLN B 495 -6.26 36.06 -4.37
CA GLN B 495 -7.61 35.74 -3.87
C GLN B 495 -8.22 34.54 -4.61
N ALA B 496 -9.19 33.90 -3.97
CA ALA B 496 -10.03 32.81 -4.50
C ALA B 496 -10.77 33.30 -5.76
N ARG B 497 -11.08 32.37 -6.64
CA ARG B 497 -11.73 32.63 -7.96
C ARG B 497 -12.93 31.73 -8.08
N PRO B 498 -14.00 32.15 -8.78
CA PRO B 498 -15.10 31.22 -9.03
C PRO B 498 -14.76 30.15 -10.07
N TYR B 499 -15.45 29.01 -10.00
CA TYR B 499 -15.35 27.92 -10.99
C TYR B 499 -16.75 27.36 -11.27
N GLU B 500 -16.88 26.62 -12.38
CA GLU B 500 -18.07 25.81 -12.71
C GLU B 500 -17.72 24.35 -12.44
N LEU B 501 -18.59 23.61 -11.76
CA LEU B 501 -18.26 22.22 -11.34
C LEU B 501 -18.04 21.32 -12.56
N GLY B 502 -18.74 21.64 -13.67
CA GLY B 502 -18.58 20.92 -14.95
C GLY B 502 -17.12 20.89 -15.41
N GLU B 503 -16.46 22.06 -15.38
CA GLU B 503 -15.04 22.24 -15.78
C GLU B 503 -14.14 21.43 -14.84
N PHE B 504 -14.39 21.45 -13.52
CA PHE B 504 -13.57 20.66 -12.55
C PHE B 504 -13.67 19.18 -12.94
N GLN B 505 -14.89 18.71 -13.16
CA GLN B 505 -15.15 17.27 -13.39
C GLN B 505 -14.61 16.87 -14.78
N ALA B 506 -14.67 17.76 -15.78
CA ALA B 506 -14.17 17.45 -17.15
C ALA B 506 -12.67 17.76 -17.25
N GLN B 507 -12.08 18.44 -16.26
CA GLN B 507 -10.64 18.86 -16.29
C GLN B 507 -10.46 19.73 -17.56
N SER B 508 -11.38 20.67 -17.75
CA SER B 508 -11.46 21.60 -18.90
C SER B 508 -11.49 23.04 -18.41
N GLY B 509 -11.44 23.97 -19.36
CA GLY B 509 -11.35 25.42 -19.13
C GLY B 509 -10.21 25.73 -18.18
N GLN B 510 -10.50 26.36 -17.05
CA GLN B 510 -9.43 26.75 -16.10
C GLN B 510 -8.83 25.52 -15.39
N PHE B 511 -9.36 24.32 -15.59
CA PHE B 511 -8.78 23.04 -15.08
C PHE B 511 -8.03 22.26 -16.18
N SER B 512 -7.89 22.80 -17.39
CA SER B 512 -7.09 22.12 -18.44
C SER B 512 -5.61 22.11 -18.02
N VAL B 513 -4.82 21.22 -18.59
CA VAL B 513 -3.34 21.17 -18.36
C VAL B 513 -2.78 22.53 -18.78
N GLN B 514 -3.23 23.10 -19.92
CA GLN B 514 -2.62 24.36 -20.42
C GLN B 514 -2.95 25.49 -19.43
N ALA B 515 -4.20 25.60 -18.96
CA ALA B 515 -4.61 26.74 -18.10
C ALA B 515 -3.86 26.63 -16.75
N VAL B 516 -3.79 25.43 -16.20
CA VAL B 516 -3.12 25.21 -14.89
C VAL B 516 -1.63 25.54 -15.07
N THR B 517 -1.04 25.10 -16.18
CA THR B 517 0.41 25.35 -16.44
C THR B 517 0.66 26.85 -16.52
N GLU B 518 -0.16 27.58 -17.27
CA GLU B 518 0.03 29.04 -17.43
C GLU B 518 -0.14 29.75 -16.08
N ARG B 519 -1.10 29.33 -15.27
CA ARG B 519 -1.39 30.01 -13.97
C ARG B 519 -0.21 29.79 -13.02
N ILE B 520 0.27 28.57 -12.91
CA ILE B 520 1.38 28.25 -11.99
C ILE B 520 2.68 28.91 -12.48
N GLN B 521 2.97 28.91 -13.78
CA GLN B 521 4.19 29.59 -14.30
C GLN B 521 4.09 31.09 -14.01
N THR B 522 2.92 31.69 -14.17
CA THR B 522 2.68 33.12 -13.83
C THR B 522 2.93 33.35 -12.34
N MET B 523 2.39 32.51 -11.48
CA MET B 523 2.62 32.64 -10.01
C MET B 523 4.13 32.53 -9.72
N ALA B 524 4.80 31.55 -10.33
CA ALA B 524 6.23 31.27 -10.07
C ALA B 524 7.10 32.49 -10.45
N GLU B 525 6.73 33.27 -11.47
CA GLU B 525 7.57 34.41 -11.94
CA GLU B 525 7.54 34.43 -11.95
C GLU B 525 7.69 35.50 -10.86
N TYR B 526 6.76 35.55 -9.90
CA TYR B 526 6.83 36.52 -8.76
C TYR B 526 7.88 36.10 -7.71
N ARG B 527 8.32 34.83 -7.73
CA ARG B 527 9.40 34.29 -6.86
C ARG B 527 9.04 34.51 -5.39
N PRO B 528 7.95 33.89 -4.91
CA PRO B 528 7.49 34.09 -3.53
C PRO B 528 8.43 33.61 -2.43
N TYR B 529 9.25 32.59 -2.69
CA TYR B 529 10.08 31.97 -1.61
C TYR B 529 11.58 32.14 -1.85
N ALA B 530 11.99 32.94 -2.81
CA ALA B 530 13.41 33.03 -3.20
C ALA B 530 14.27 33.54 -2.02
N ALA B 531 13.75 34.35 -1.09
CA ALA B 531 14.53 34.86 0.05
C ALA B 531 14.95 33.72 1.00
N ALA B 532 14.38 32.52 0.85
CA ALA B 532 14.74 31.35 1.69
C ALA B 532 15.71 30.45 0.92
N ASP B 533 16.17 30.83 -0.27
CA ASP B 533 17.13 29.96 -1.01
C ASP B 533 18.48 29.89 -0.27
N GLU B 534 19.10 28.72 -0.35
CA GLU B 534 20.49 28.45 0.15
C GLU B 534 21.49 29.45 -0.45
C1 NAG C . 7.46 -44.67 -7.60
C2 NAG C . 6.54 -45.85 -7.33
C3 NAG C . 6.73 -46.33 -5.89
C4 NAG C . 8.19 -46.60 -5.62
C5 NAG C . 8.99 -45.31 -5.95
C6 NAG C . 10.47 -45.53 -5.81
C7 NAG C . 4.36 -45.87 -8.28
C8 NAG C . 2.99 -45.28 -8.06
N2 NAG C . 5.21 -45.38 -7.43
O3 NAG C . 5.97 -47.52 -5.75
O4 NAG C . 8.31 -46.81 -4.19
O5 NAG C . 8.78 -44.94 -7.32
O6 NAG C . 11.22 -44.28 -5.90
O7 NAG C . 4.73 -46.67 -9.13
C1 NAG C . 8.97 -48.03 -3.87
C2 NAG C . 9.28 -47.97 -2.35
C3 NAG C . 9.92 -49.30 -2.00
C4 NAG C . 9.02 -50.48 -2.41
C5 NAG C . 8.70 -50.40 -3.92
C6 NAG C . 7.76 -51.55 -4.28
C7 NAG C . 10.11 -45.86 -1.50
C8 NAG C . 11.24 -44.87 -1.52
N2 NAG C . 10.31 -46.98 -2.16
O3 NAG C . 10.25 -49.38 -0.59
O4 NAG C . 9.74 -51.72 -2.20
O5 NAG C . 8.06 -49.13 -4.15
O6 NAG C . 6.54 -51.34 -3.57
O7 NAG C . 9.08 -45.66 -0.97
C1 BMA C . 8.93 -52.59 -1.37
C2 BMA C . 9.26 -54.04 -1.68
C3 BMA C . 8.44 -55.00 -0.80
C4 BMA C . 8.47 -54.55 0.68
C5 BMA C . 8.23 -53.04 0.85
C6 BMA C . 8.35 -52.55 2.30
O2 BMA C . 10.67 -54.17 -1.47
O3 BMA C . 8.93 -56.35 -0.95
O4 BMA C . 7.44 -55.20 1.42
O5 BMA C . 9.16 -52.36 0.02
O6 BMA C . 9.64 -52.82 2.87
C1 NAG D . 12.97 -38.85 9.15
C2 NAG D . 14.23 -38.15 9.67
C3 NAG D . 14.38 -38.47 11.17
C4 NAG D . 13.10 -38.17 11.91
C5 NAG D . 11.91 -38.83 11.24
C6 NAG D . 10.55 -38.56 11.88
C7 NAG D . 15.85 -37.93 7.83
C8 NAG D . 17.00 -38.65 7.17
N2 NAG D . 15.38 -38.61 8.93
O3 NAG D . 15.46 -37.73 11.66
O4 NAG D . 13.18 -38.81 13.22
O5 NAG D . 11.81 -38.43 9.85
O6 NAG D . 10.21 -37.16 11.92
O7 NAG D . 15.38 -36.92 7.41
C1 NAG D . 12.93 -37.92 14.23
C2 NAG D . 12.64 -38.76 15.52
C3 NAG D . 12.49 -37.90 16.72
C4 NAG D . 13.70 -37.05 16.83
C5 NAG D . 13.84 -36.29 15.49
C6 NAG D . 14.95 -35.24 15.50
C7 NAG D . 11.59 -40.87 15.10
C8 NAG D . 10.28 -41.66 15.11
N2 NAG D . 11.49 -39.62 15.41
O3 NAG D . 12.42 -38.74 17.90
O4 NAG D . 13.42 -36.20 17.93
O5 NAG D . 14.09 -37.21 14.42
O6 NAG D . 14.39 -34.11 14.75
O7 NAG D . 12.67 -41.40 14.81
C1 BMA D . 14.27 -36.50 19.07
C2 BMA D . 15.32 -35.40 19.27
C3 BMA D . 16.26 -35.77 20.42
C4 BMA D . 15.46 -36.13 21.66
C5 BMA D . 14.35 -37.15 21.33
C6 BMA D . 13.46 -37.46 22.52
O2 BMA D . 14.63 -34.18 19.59
O3 BMA D . 17.18 -34.70 20.69
O4 BMA D . 16.35 -36.67 22.64
O5 BMA D . 13.53 -36.62 20.28
O6 BMA D . 12.48 -38.44 22.11
C1 NAG E . 3.19 45.74 7.46
C2 NAG E . 2.18 46.82 7.15
C3 NAG E . 2.35 47.36 5.72
C4 NAG E . 3.77 47.74 5.45
C5 NAG E . 4.68 46.51 5.81
C6 NAG E . 6.12 46.79 5.59
C7 NAG E . -0.02 46.81 8.19
C8 NAG E . -1.38 46.19 8.15
N2 NAG E . 0.84 46.32 7.32
O3 NAG E . 1.47 48.54 5.61
O4 NAG E . 3.85 47.99 4.05
O5 NAG E . 4.48 46.17 7.20
O6 NAG E . 6.90 45.56 5.71
O7 NAG E . 0.28 47.72 8.93
C1 NAG E . 4.47 49.25 3.77
C2 NAG E . 4.85 49.26 2.29
C3 NAG E . 5.44 50.64 1.94
C4 NAG E . 4.43 51.73 2.35
C5 NAG E . 4.05 51.61 3.83
C6 NAG E . 3.01 52.68 4.18
C7 NAG E . 5.64 47.12 1.43
C8 NAG E . 6.75 46.14 1.37
N2 NAG E . 5.91 48.25 2.04
O3 NAG E . 5.89 50.71 0.55
O4 NAG E . 5.11 52.98 2.21
O5 NAG E . 3.52 50.29 4.08
O6 NAG E . 1.81 52.38 3.42
O7 NAG E . 4.54 46.88 1.00
C1 BMA E . 4.44 53.74 1.16
C2 BMA E . 4.62 55.21 1.49
C3 BMA E . 3.91 56.11 0.47
C4 BMA E . 4.18 55.63 -0.96
C5 BMA E . 4.21 54.11 -1.18
C6 BMA E . 4.72 53.69 -2.57
O2 BMA E . 6.02 55.47 1.53
O3 BMA E . 4.28 57.49 0.67
O4 BMA E . 3.09 56.10 -1.76
O5 BMA E . 4.96 53.45 -0.15
O6 BMA E . 5.85 54.45 -3.06
C1 NAG F . 8.36 40.26 -9.23
C2 NAG F . 9.70 39.73 -9.80
C3 NAG F . 9.83 40.06 -11.29
C4 NAG F . 8.57 39.59 -12.02
C5 NAG F . 7.30 40.12 -11.33
C6 NAG F . 6.00 39.68 -11.99
C7 NAG F . 11.30 39.77 -7.94
C8 NAG F . 12.38 40.60 -7.26
N2 NAG F . 10.81 40.30 -9.08
O3 NAG F . 11.02 39.48 -11.75
O4 NAG F . 8.62 40.19 -13.33
O5 NAG F . 7.27 39.71 -9.94
O6 NAG F . 5.90 38.26 -12.08
O7 NAG F . 10.88 38.72 -7.47
C1 NAG F . 8.47 39.26 -14.35
C2 NAG F . 8.05 40.01 -15.64
C3 NAG F . 8.09 39.10 -16.85
C4 NAG F . 9.37 38.30 -16.92
C5 NAG F . 9.59 37.65 -15.56
C6 NAG F . 10.86 36.83 -15.61
C6 NAG F . 10.74 36.66 -15.52
C7 NAG F . 6.68 41.93 -15.30
C8 NAG F . 5.30 42.55 -15.15
N2 NAG F . 6.74 40.66 -15.61
O3 NAG F . 8.09 39.89 -18.05
O4 NAG F . 9.05 37.34 -17.93
O5 NAG F . 9.74 38.66 -14.54
O6 NAG F . 11.97 37.70 -15.29
O6 NAG F . 10.41 35.65 -14.54
O7 NAG F . 7.71 42.58 -15.11
CU CU G . -4.16 -28.76 -24.88
CU CU H . -0.13 -29.24 -13.03
CU CU I . 0.05 -24.28 -13.17
CU CU J . 3.25 -26.82 -11.95
N24 FC6 K . -4.55 -34.47 -35.85
C24 FC6 K . -5.52 -33.85 -35.79
FE2 FC6 K . -7.07 -32.75 -35.73
C21 FC6 K . -7.91 -33.86 -37.03
N25 FC6 K . -8.39 -34.52 -37.84
C22 FC6 K . -7.79 -33.83 -34.34
N22 FC6 K . -8.20 -34.52 -33.51
C26 FC6 K . -6.35 -31.66 -37.13
N21 FC6 K . -5.94 -30.97 -37.94
C23 FC6 K . -6.24 -31.63 -34.43
N23 FC6 K . -5.74 -30.97 -33.63
C11 FC6 K . -8.63 -31.65 -35.68
N11 FC6 K . -9.57 -31.02 -35.62
N24 FC6 L . 31.23 -41.33 -27.51
C24 FC6 L . 30.41 -40.99 -26.77
FE2 FC6 L . 29.08 -40.42 -25.54
C21 FC6 L . 27.71 -40.89 -26.79
N25 FC6 L . 26.91 -41.20 -27.55
C22 FC6 L . 29.01 -42.17 -24.80
N22 FC6 L . 28.98 -43.23 -24.33
C26 FC6 L . 29.15 -38.67 -26.28
N21 FC6 L . 29.16 -37.62 -26.74
C23 FC6 L . 30.45 -39.94 -24.30
N23 FC6 L . 31.25 -39.63 -23.53
C11 FC6 L . 27.75 -39.84 -24.30
N11 FC6 L . 26.93 -39.50 -23.58
C1 SIN M . 17.30 -29.41 6.35
O1 SIN M . 17.61 -28.84 5.27
O2 SIN M . 17.86 -30.47 6.79
C2 SIN M . 16.12 -28.86 7.10
C3 SIN M . 15.02 -28.33 6.23
C4 SIN M . 14.27 -29.37 5.42
O3 SIN M . 13.24 -28.98 4.78
O4 SIN M . 14.70 -30.54 5.39
C1 SIN N . -8.58 -15.96 -11.77
O1 SIN N . -9.27 -15.96 -12.88
O2 SIN N . -8.39 -17.02 -11.10
C2 SIN N . -8.01 -14.66 -11.15
C3 SIN N . -8.07 -13.32 -11.94
C4 SIN N . -9.51 -12.97 -12.32
O3 SIN N . -10.43 -13.02 -11.45
O4 SIN N . -9.72 -12.58 -13.52
C1 SIN O . -0.75 -42.36 -5.75
O1 SIN O . -1.63 -41.56 -6.20
O2 SIN O . -0.86 -42.94 -4.59
C2 SIN O . 0.47 -42.71 -6.60
C3 SIN O . 0.48 -42.21 -8.04
C4 SIN O . -0.67 -42.66 -8.94
O3 SIN O . -1.81 -42.42 -8.59
O4 SIN O . -0.39 -43.19 -10.02
NA NA P . 18.29 -13.82 -23.86
K K Q . 9.35 -18.76 16.84
C1 GOL R . 23.61 -38.56 -19.68
O1 GOL R . 22.41 -37.80 -19.63
C2 GOL R . 24.59 -37.99 -20.70
O2 GOL R . 24.13 -38.35 -22.01
C3 GOL R . 26.00 -38.54 -20.49
O3 GOL R . 26.94 -38.07 -21.44
C1 GOL S . -13.80 -1.76 -8.82
O1 GOL S . -13.43 -3.07 -8.39
C2 GOL S . -14.66 -1.83 -10.06
O2 GOL S . -15.56 -2.92 -9.90
C3 GOL S . -15.38 -0.53 -10.38
O3 GOL S . -16.17 -0.66 -11.58
C1 GOL T . 18.56 -43.96 -6.90
C1 GOL T . 19.44 -41.59 -6.66
O1 GOL T . 18.58 -44.09 -5.48
O1 GOL T . 20.63 -41.47 -5.87
C2 GOL T . 19.47 -42.85 -7.40
C2 GOL T . 19.16 -43.03 -7.03
O2 GOL T . 18.89 -42.18 -8.53
O2 GOL T . 18.61 -43.73 -5.91
C3 GOL T . 19.82 -41.83 -6.35
C3 GOL T . 18.25 -43.14 -8.25
O3 GOL T . 20.15 -40.59 -6.95
O3 GOL T . 17.96 -44.49 -8.60
C1 GOL U . -24.48 -7.79 -25.92
O1 GOL U . -25.15 -6.69 -25.31
C2 GOL U . -23.37 -7.35 -26.85
O2 GOL U . -22.29 -6.77 -26.12
C3 GOL U . -23.86 -6.40 -27.94
O3 GOL U . -22.78 -5.66 -28.51
C1 GOL V . 16.55 0.79 -8.60
C1 GOL V . 16.43 0.38 -8.25
O1 GOL V . 15.70 1.92 -8.83
O1 GOL V . 15.22 0.15 -8.96
C2 GOL V . 16.45 0.30 -7.16
C2 GOL V . 16.40 -0.36 -6.92
O2 GOL V . 17.16 -0.92 -6.97
O2 GOL V . 17.66 -0.98 -6.66
C3 GOL V . 16.97 1.32 -6.19
C3 GOL V . 16.04 0.54 -5.75
O3 GOL V . 18.34 1.09 -5.90
O3 GOL V . 15.13 1.56 -6.14
C1 PEG W . -5.20 -20.86 -41.26
O1 PEG W . -6.41 -21.39 -40.70
C2 PEG W . -4.73 -19.56 -40.64
O2 PEG W . -4.04 -19.76 -39.41
C3 PEG W . -4.68 -19.12 -38.32
C4 PEG W . -4.55 -19.90 -37.05
O4 PEG W . -5.68 -20.68 -36.79
C1 GOL X . 2.48 11.65 -10.33
C1 GOL X . 2.47 11.31 -10.42
O1 GOL X . 2.77 10.26 -10.45
O1 GOL X . 1.26 11.61 -9.70
C2 GOL X . 2.42 12.28 -11.69
C2 GOL X . 2.50 12.01 -11.77
O2 GOL X . 1.32 11.74 -12.42
O2 GOL X . 1.39 11.59 -12.56
C3 GOL X . 2.30 13.79 -11.63
C3 GOL X . 2.46 13.53 -11.62
O3 GOL X . 2.39 14.36 -12.93
O3 GOL X . 2.42 14.17 -12.89
CU CU Y . -7.46 29.34 25.01
CU CU Z . -3.52 29.92 13.14
CU CU AA . -3.07 24.98 13.34
CU CU BA . -0.05 27.70 12.06
N24 FC6 CA . -8.91 31.47 33.96
C24 FC6 CA . -9.50 32.10 34.72
FE2 FC6 CA . -10.48 33.17 35.95
C21 FC6 CA . -11.92 31.91 35.93
N25 FC6 CA . -12.77 31.14 35.89
C22 FC6 CA . -9.68 32.23 37.40
N22 FC6 CA . -9.20 31.65 38.27
C26 FC6 CA . -11.28 34.12 34.50
N21 FC6 CA . -11.77 34.70 33.64
C23 FC6 CA . -9.05 34.43 35.99
N23 FC6 CA . -8.20 35.19 36.02
C11 FC6 CA . -11.46 34.24 37.19
N11 FC6 CA . -12.05 34.87 37.94
N24 FC6 DA . 21.46 28.88 24.87
C24 FC6 DA . 20.82 29.56 25.56
FE2 FC6 DA . 19.74 30.67 26.69
C21 FC6 DA . 18.48 29.23 26.90
N25 FC6 DA . 17.71 28.37 27.03
C22 FC6 DA . 20.71 30.04 28.24
N22 FC6 DA . 21.31 29.69 29.17
C26 FC6 DA . 18.76 31.30 25.16
N21 FC6 DA . 18.19 31.67 24.25
C23 FC6 DA . 21.00 32.11 26.49
N23 FC6 DA . 21.73 32.99 26.36
C11 FC6 DA . 18.65 31.78 27.84
N11 FC6 DA . 18.00 32.45 28.52
C1 SIN EA . 13.62 30.51 -6.98
O1 SIN EA . 13.98 30.22 -5.81
O2 SIN EA . 14.38 31.08 -7.83
C2 SIN EA . 12.21 30.17 -7.43
C3 SIN EA . 11.28 29.67 -6.35
C4 SIN EA . 10.56 30.80 -5.60
O3 SIN EA . 9.57 30.49 -4.87
O4 SIN EA . 10.99 31.93 -5.71
C1 SIN FA . -11.82 13.04 12.72
O1 SIN FA . -12.74 13.07 11.85
O2 SIN FA . -12.00 12.66 13.91
C2 SIN FA . -10.41 13.50 12.33
C3 SIN FA . -10.37 14.83 11.55
C4 SIN FA . -11.12 16.08 12.07
O3 SIN FA . -11.85 16.03 13.16
O4 SIN FA . -11.03 17.13 11.33
C1 SIN GA . 14.97 24.09 -4.28
O1 SIN GA . 13.99 24.68 -3.71
O2 SIN GA . 15.18 22.86 -4.18
C2 SIN GA . 15.92 24.91 -5.15
C3 SIN GA . 15.37 26.22 -5.62
C4 SIN GA . 16.44 27.25 -5.93
O3 SIN GA . 16.39 27.86 -7.09
O4 SIN GA . 17.31 27.44 -5.01
C1 SIN HA . -4.65 43.26 8.85
O1 SIN HA . -5.84 42.93 8.83
O2 SIN HA . -4.18 44.04 9.67
C2 SIN HA . -3.72 42.63 7.84
C3 SIN HA . -3.88 43.16 6.47
C4 SIN HA . -5.18 42.72 5.79
O3 SIN HA . -5.46 43.21 4.66
O4 SIN HA . -5.94 41.93 6.42
NA NA IA . 15.88 15.82 24.07
K K JA . 6.27 19.81 -16.57
C1 GOL KA . 3.41 5.27 39.76
O1 GOL KA . 4.22 5.01 40.91
C2 GOL KA . 4.07 4.99 38.42
O2 GOL KA . 5.16 4.11 38.65
C3 GOL KA . 3.11 4.47 37.35
O3 GOL KA . 3.73 3.77 36.25
C1 GOL LA . -15.34 1.50 9.39
O1 GOL LA . -15.12 2.78 8.82
C2 GOL LA . -16.18 1.60 10.64
O2 GOL LA . -17.06 2.71 10.50
C3 GOL LA . -16.94 0.32 10.95
O3 GOL LA . -17.71 0.38 12.15
C1 GOL MA . 15.35 43.20 6.51
O1 GOL MA . 16.51 43.20 5.70
C2 GOL MA . 14.92 44.63 6.82
O2 GOL MA . 14.36 45.25 5.64
C3 GOL MA . 14.00 44.66 8.02
O3 GOL MA . 13.63 45.99 8.41
C1 PEG NA . -7.84 20.00 41.47
O1 PEG NA . -8.43 21.27 41.65
C2 PEG NA . -6.51 20.01 40.76
O2 PEG NA . -6.60 20.58 39.45
C3 PEG NA . -7.37 19.81 38.52
C4 PEG NA . -7.40 20.51 37.20
O4 PEG NA . -8.39 21.54 37.11
#